data_2YTG
#
_entry.id   2YTG
#
loop_
_entity.id
_entity.type
_entity.pdbx_description
1 polymer 'Zinc finger protein 95 homolog'
2 non-polymer 'ZINC ION'
#
_entity_poly.entity_id   1
_entity_poly.type   'polypeptide(L)'
_entity_poly.pdbx_seq_one_letter_code
;GSSGSSGTGEKPFKCGECGKSYNQRVHLTQHQRVHTGEKPSGPSSG
;
_entity_poly.pdbx_strand_id   A
#
# COMPACT_ATOMS: atom_id res chain seq x y z
N GLY A 1 -13.66 -20.53 -11.75
CA GLY A 1 -12.24 -20.50 -11.42
C GLY A 1 -11.94 -19.50 -10.32
N SER A 2 -10.77 -19.65 -9.70
CA SER A 2 -10.35 -18.76 -8.62
C SER A 2 -8.83 -18.61 -8.61
N SER A 3 -8.37 -17.37 -8.75
CA SER A 3 -6.95 -17.07 -8.76
C SER A 3 -6.65 -15.75 -8.06
N GLY A 4 -5.41 -15.58 -7.62
CA GLY A 4 -5.02 -14.35 -6.95
C GLY A 4 -3.53 -14.25 -6.75
N SER A 5 -2.99 -13.04 -6.93
CA SER A 5 -1.57 -12.80 -6.77
C SER A 5 -1.21 -12.54 -5.31
N SER A 6 0.07 -12.68 -4.98
CA SER A 6 0.53 -12.47 -3.61
C SER A 6 2.04 -12.22 -3.59
N GLY A 7 2.46 -11.28 -2.76
CA GLY A 7 3.87 -10.96 -2.66
C GLY A 7 4.72 -12.18 -2.35
N THR A 8 5.99 -12.13 -2.73
CA THR A 8 6.91 -13.24 -2.50
C THR A 8 7.86 -12.93 -1.35
N GLY A 9 7.70 -13.68 -0.25
CA GLY A 9 8.55 -13.47 0.90
C GLY A 9 7.77 -13.05 2.14
N GLU A 10 8.20 -11.98 2.78
CA GLU A 10 7.53 -11.48 3.97
C GLU A 10 8.13 -10.14 4.41
N LYS A 11 7.26 -9.20 4.74
CA LYS A 11 7.69 -7.87 5.18
C LYS A 11 6.93 -7.43 6.43
N PRO A 12 7.62 -6.73 7.33
CA PRO A 12 7.02 -6.22 8.58
C PRO A 12 6.02 -5.11 8.32
N PHE A 13 6.08 -4.51 7.14
CA PHE A 13 5.18 -3.42 6.78
C PHE A 13 4.32 -3.81 5.58
N LYS A 14 3.07 -3.37 5.58
CA LYS A 14 2.14 -3.66 4.50
C LYS A 14 1.08 -2.58 4.37
N CYS A 15 0.62 -2.35 3.15
CA CYS A 15 -0.41 -1.34 2.90
C CYS A 15 -1.81 -1.95 2.92
N GLY A 16 -2.60 -1.57 3.91
CA GLY A 16 -3.94 -2.09 4.03
C GLY A 16 -4.96 -1.25 3.27
N GLU A 17 -4.55 -0.73 2.12
CA GLU A 17 -5.44 0.08 1.29
C GLU A 17 -5.53 -0.48 -0.13
N CYS A 18 -4.44 -1.06 -0.61
CA CYS A 18 -4.41 -1.64 -1.94
C CYS A 18 -3.80 -3.04 -1.92
N GLY A 19 -2.73 -3.20 -1.13
CA GLY A 19 -2.07 -4.49 -1.04
C GLY A 19 -0.63 -4.43 -1.50
N LYS A 20 0.10 -3.42 -1.04
CA LYS A 20 1.50 -3.26 -1.41
C LYS A 20 2.40 -3.27 -0.18
N SER A 21 3.26 -4.28 -0.09
CA SER A 21 4.17 -4.41 1.05
C SER A 21 5.55 -3.89 0.69
N TYR A 22 6.31 -3.52 1.71
CA TYR A 22 7.66 -3.00 1.52
C TYR A 22 8.58 -3.41 2.66
N ASN A 23 9.74 -3.95 2.31
CA ASN A 23 10.71 -4.39 3.30
C ASN A 23 10.91 -3.33 4.37
N GLN A 24 11.03 -2.08 3.95
CA GLN A 24 11.22 -0.96 4.86
C GLN A 24 9.92 -0.19 5.07
N ARG A 25 9.90 0.65 6.10
CA ARG A 25 8.71 1.44 6.40
C ARG A 25 8.71 2.75 5.62
N VAL A 26 9.89 3.17 5.18
CA VAL A 26 10.03 4.40 4.41
C VAL A 26 9.52 4.22 2.98
N HIS A 27 9.44 2.96 2.55
CA HIS A 27 8.97 2.64 1.21
C HIS A 27 7.45 2.43 1.19
N LEU A 28 6.87 2.33 2.37
CA LEU A 28 5.43 2.12 2.49
C LEU A 28 4.70 3.45 2.67
N THR A 29 5.16 4.25 3.64
CA THR A 29 4.55 5.54 3.91
C THR A 29 4.55 6.42 2.67
N GLN A 30 5.65 6.37 1.91
CA GLN A 30 5.77 7.17 0.70
C GLN A 30 4.84 6.66 -0.38
N HIS A 31 4.37 5.42 -0.23
CA HIS A 31 3.46 4.82 -1.19
C HIS A 31 2.01 5.12 -0.84
N GLN A 32 1.69 5.07 0.45
CA GLN A 32 0.34 5.35 0.92
C GLN A 32 -0.13 6.72 0.46
N ARG A 33 0.81 7.53 -0.02
CA ARG A 33 0.49 8.88 -0.49
C ARG A 33 -0.59 8.83 -1.57
N VAL A 34 -0.55 7.79 -2.40
CA VAL A 34 -1.53 7.64 -3.47
C VAL A 34 -2.93 7.40 -2.90
N HIS A 35 -3.00 7.07 -1.63
CA HIS A 35 -4.27 6.82 -0.97
C HIS A 35 -4.68 8.01 -0.11
N THR A 36 -3.90 9.08 -0.17
CA THR A 36 -4.18 10.28 0.60
C THR A 36 -3.68 11.53 -0.11
N GLY A 37 -4.61 12.41 -0.46
CA GLY A 37 -4.25 13.64 -1.15
C GLY A 37 -5.44 14.29 -1.83
N GLU A 38 -6.27 13.48 -2.47
CA GLU A 38 -7.44 14.00 -3.16
C GLU A 38 -8.46 14.55 -2.17
N LYS A 39 -9.56 15.10 -2.69
CA LYS A 39 -10.60 15.67 -1.85
C LYS A 39 -11.98 15.22 -2.34
N PRO A 40 -12.89 14.99 -1.38
CA PRO A 40 -14.26 14.57 -1.68
C PRO A 40 -15.09 15.67 -2.34
N SER A 41 -14.60 16.90 -2.24
CA SER A 41 -15.29 18.05 -2.84
C SER A 41 -14.68 18.40 -4.19
N GLY A 42 -13.41 18.77 -4.17
CA GLY A 42 -12.73 19.14 -5.41
C GLY A 42 -13.03 20.56 -5.83
N PRO A 43 -12.77 20.87 -7.11
CA PRO A 43 -13.00 22.20 -7.67
C PRO A 43 -14.49 22.53 -7.80
N SER A 44 -15.08 22.98 -6.70
CA SER A 44 -16.51 23.33 -6.68
C SER A 44 -16.79 24.48 -7.65
N SER A 45 -17.81 24.29 -8.49
CA SER A 45 -18.19 25.31 -9.47
C SER A 45 -19.18 26.30 -8.87
N GLY A 46 -18.92 26.70 -7.62
CA GLY A 46 -19.81 27.63 -6.95
C GLY A 46 -21.25 27.20 -7.00
N GLY A 1 -5.75 -22.16 -9.17
CA GLY A 1 -5.90 -21.10 -8.19
C GLY A 1 -4.57 -20.62 -7.64
N SER A 2 -4.42 -19.30 -7.55
CA SER A 2 -3.18 -18.71 -7.04
C SER A 2 -2.83 -19.28 -5.67
N SER A 3 -1.56 -19.67 -5.51
CA SER A 3 -1.10 -20.24 -4.24
C SER A 3 0.16 -19.52 -3.77
N GLY A 4 0.00 -18.26 -3.38
CA GLY A 4 1.13 -17.47 -2.91
C GLY A 4 2.42 -17.83 -3.62
N SER A 5 3.52 -17.81 -2.88
CA SER A 5 4.83 -18.13 -3.45
C SER A 5 5.87 -18.28 -2.35
N SER A 6 7.03 -18.84 -2.72
CA SER A 6 8.11 -19.04 -1.76
C SER A 6 9.40 -18.39 -2.26
N GLY A 7 10.31 -18.12 -1.33
CA GLY A 7 11.57 -17.50 -1.70
C GLY A 7 11.79 -16.17 -0.99
N THR A 8 11.01 -15.17 -1.35
CA THR A 8 11.13 -13.85 -0.75
C THR A 8 10.35 -13.78 0.56
N GLY A 9 11.07 -13.85 1.68
CA GLY A 9 10.43 -13.79 2.98
C GLY A 9 9.39 -12.70 3.07
N GLU A 10 8.48 -12.82 4.02
CA GLU A 10 7.43 -11.82 4.20
C GLU A 10 8.03 -10.46 4.57
N LYS A 11 7.17 -9.46 4.65
CA LYS A 11 7.61 -8.10 4.98
C LYS A 11 7.02 -7.65 6.32
N PRO A 12 7.81 -6.88 7.09
CA PRO A 12 7.38 -6.37 8.39
C PRO A 12 6.27 -5.32 8.28
N PHE A 13 6.16 -4.72 7.10
CA PHE A 13 5.15 -3.70 6.86
C PHE A 13 4.22 -4.11 5.72
N LYS A 14 3.07 -3.44 5.63
CA LYS A 14 2.10 -3.73 4.58
C LYS A 14 1.12 -2.58 4.40
N CYS A 15 0.66 -2.39 3.18
CA CYS A 15 -0.28 -1.31 2.88
C CYS A 15 -1.72 -1.79 2.99
N GLY A 16 -2.41 -1.36 4.05
CA GLY A 16 -3.79 -1.76 4.24
C GLY A 16 -4.76 -0.91 3.46
N GLU A 17 -4.38 -0.53 2.25
CA GLU A 17 -5.23 0.30 1.40
C GLU A 17 -5.46 -0.37 0.05
N CYS A 18 -4.38 -0.88 -0.54
CA CYS A 18 -4.46 -1.54 -1.84
C CYS A 18 -3.92 -2.97 -1.75
N GLY A 19 -2.81 -3.13 -1.06
CA GLY A 19 -2.20 -4.44 -0.92
C GLY A 19 -0.75 -4.46 -1.35
N LYS A 20 -0.05 -3.35 -1.13
CA LYS A 20 1.36 -3.25 -1.50
C LYS A 20 2.25 -3.31 -0.27
N SER A 21 2.96 -4.42 -0.11
CA SER A 21 3.86 -4.59 1.03
C SER A 21 5.27 -4.13 0.69
N TYR A 22 6.01 -3.71 1.71
CA TYR A 22 7.37 -3.23 1.52
C TYR A 22 8.28 -3.72 2.65
N ASN A 23 9.58 -3.77 2.39
CA ASN A 23 10.55 -4.21 3.38
C ASN A 23 10.81 -3.12 4.40
N GLN A 24 10.88 -1.87 3.93
CA GLN A 24 11.13 -0.74 4.82
C GLN A 24 9.86 0.12 4.96
N ARG A 25 9.78 0.83 6.08
CA ARG A 25 8.62 1.69 6.35
C ARG A 25 8.71 2.98 5.54
N VAL A 26 9.92 3.53 5.43
CA VAL A 26 10.14 4.76 4.69
C VAL A 26 9.70 4.62 3.24
N HIS A 27 9.56 3.37 2.79
CA HIS A 27 9.14 3.10 1.41
C HIS A 27 7.63 2.87 1.34
N LEU A 28 7.06 2.41 2.44
CA LEU A 28 5.62 2.15 2.50
C LEU A 28 4.84 3.45 2.65
N THR A 29 5.26 4.28 3.60
CA THR A 29 4.59 5.56 3.85
C THR A 29 4.52 6.39 2.58
N GLN A 30 5.63 6.41 1.82
CA GLN A 30 5.69 7.18 0.58
C GLN A 30 4.66 6.67 -0.42
N HIS A 31 4.44 5.35 -0.41
CA HIS A 31 3.48 4.74 -1.33
C HIS A 31 2.05 5.09 -0.93
N GLN A 32 1.72 4.83 0.33
CA GLN A 32 0.38 5.12 0.84
C GLN A 32 -0.09 6.51 0.41
N ARG A 33 0.87 7.37 0.08
CA ARG A 33 0.56 8.73 -0.35
C ARG A 33 -0.54 8.72 -1.41
N VAL A 34 -0.37 7.86 -2.42
CA VAL A 34 -1.34 7.77 -3.50
C VAL A 34 -2.74 7.47 -2.96
N HIS A 35 -2.79 6.88 -1.78
CA HIS A 35 -4.07 6.54 -1.15
C HIS A 35 -4.55 7.69 -0.27
N THR A 36 -3.61 8.39 0.36
CA THR A 36 -3.94 9.50 1.23
C THR A 36 -4.34 10.73 0.43
N GLY A 37 -5.56 11.21 0.64
CA GLY A 37 -6.03 12.38 -0.07
C GLY A 37 -7.48 12.71 0.25
N GLU A 38 -8.08 13.59 -0.55
CA GLU A 38 -9.46 13.99 -0.34
C GLU A 38 -10.34 13.53 -1.51
N LYS A 39 -11.44 12.87 -1.18
CA LYS A 39 -12.37 12.37 -2.20
C LYS A 39 -13.80 12.76 -1.85
N PRO A 40 -14.60 13.07 -2.89
CA PRO A 40 -16.00 13.45 -2.73
C PRO A 40 -16.87 12.29 -2.28
N SER A 41 -16.67 11.13 -2.88
CA SER A 41 -17.44 9.93 -2.55
C SER A 41 -16.78 8.68 -3.11
N GLY A 42 -17.37 7.53 -2.81
CA GLY A 42 -16.82 6.27 -3.30
C GLY A 42 -17.73 5.60 -4.31
N PRO A 43 -17.56 4.28 -4.47
CA PRO A 43 -18.36 3.48 -5.41
C PRO A 43 -19.81 3.35 -4.97
N SER A 44 -20.64 4.29 -5.40
CA SER A 44 -22.06 4.26 -5.04
C SER A 44 -22.85 5.28 -5.87
N SER A 45 -24.12 4.99 -6.08
CA SER A 45 -24.98 5.88 -6.87
C SER A 45 -25.18 7.21 -6.14
N GLY A 46 -25.15 8.29 -6.91
CA GLY A 46 -25.32 9.61 -6.33
C GLY A 46 -26.18 10.52 -7.19
N GLY A 1 -3.73 -23.64 12.55
CA GLY A 1 -4.71 -22.62 12.24
C GLY A 1 -5.00 -22.52 10.75
N SER A 2 -4.18 -21.75 10.05
CA SER A 2 -4.35 -21.57 8.61
C SER A 2 -3.06 -21.86 7.86
N SER A 3 -3.17 -22.56 6.74
CA SER A 3 -2.01 -22.90 5.93
C SER A 3 -1.41 -21.66 5.28
N GLY A 4 -0.13 -21.43 5.51
CA GLY A 4 0.54 -20.28 4.93
C GLY A 4 1.94 -20.60 4.45
N SER A 5 2.05 -21.60 3.58
CA SER A 5 3.33 -22.01 3.03
C SER A 5 3.76 -21.10 1.89
N SER A 6 2.87 -20.94 0.92
CA SER A 6 3.15 -20.10 -0.24
C SER A 6 3.97 -18.88 0.17
N GLY A 7 5.25 -18.90 -0.17
CA GLY A 7 6.12 -17.78 0.17
C GLY A 7 5.83 -16.55 -0.66
N THR A 8 4.76 -15.83 -0.30
CA THR A 8 4.37 -14.63 -1.02
C THR A 8 5.31 -13.47 -0.70
N GLY A 9 5.57 -13.26 0.59
CA GLY A 9 6.46 -12.19 1.00
C GLY A 9 6.24 -11.77 2.44
N GLU A 10 7.19 -12.12 3.30
CA GLU A 10 7.10 -11.79 4.72
C GLU A 10 7.72 -10.42 5.01
N LYS A 11 6.97 -9.37 4.75
CA LYS A 11 7.44 -8.01 4.98
C LYS A 11 6.94 -7.47 6.31
N PRO A 12 7.79 -6.67 6.99
CA PRO A 12 7.47 -6.08 8.28
C PRO A 12 6.40 -5.00 8.17
N PHE A 13 6.17 -4.53 6.94
CA PHE A 13 5.17 -3.49 6.69
C PHE A 13 4.25 -3.89 5.54
N LYS A 14 3.03 -3.35 5.55
CA LYS A 14 2.06 -3.63 4.50
C LYS A 14 1.05 -2.51 4.38
N CYS A 15 0.53 -2.31 3.17
CA CYS A 15 -0.45 -1.26 2.91
C CYS A 15 -1.86 -1.81 3.03
N GLY A 16 -2.58 -1.36 4.06
CA GLY A 16 -3.95 -1.81 4.26
C GLY A 16 -4.95 -1.03 3.44
N GLU A 17 -4.61 -0.77 2.19
CA GLU A 17 -5.49 -0.02 1.29
C GLU A 17 -5.62 -0.73 -0.05
N CYS A 18 -4.49 -0.96 -0.71
CA CYS A 18 -4.48 -1.62 -2.01
C CYS A 18 -3.95 -3.06 -1.88
N GLY A 19 -2.85 -3.22 -1.17
CA GLY A 19 -2.27 -4.53 -0.97
C GLY A 19 -0.83 -4.59 -1.42
N LYS A 20 -0.04 -3.60 -1.01
CA LYS A 20 1.38 -3.55 -1.38
C LYS A 20 2.26 -3.56 -0.14
N SER A 21 3.14 -4.54 -0.05
CA SER A 21 4.04 -4.67 1.10
C SER A 21 5.47 -4.25 0.71
N TYR A 22 6.20 -3.72 1.68
CA TYR A 22 7.57 -3.27 1.45
C TYR A 22 8.50 -3.77 2.55
N ASN A 23 9.79 -3.66 2.31
CA ASN A 23 10.79 -4.09 3.28
C ASN A 23 10.99 -3.04 4.38
N GLN A 24 11.05 -1.78 3.97
CA GLN A 24 11.23 -0.68 4.91
C GLN A 24 9.94 0.12 5.07
N ARG A 25 9.82 0.81 6.20
CA ARG A 25 8.64 1.62 6.47
C ARG A 25 8.64 2.90 5.64
N VAL A 26 9.83 3.39 5.32
CA VAL A 26 9.98 4.60 4.52
C VAL A 26 9.43 4.40 3.11
N HIS A 27 9.45 3.15 2.64
CA HIS A 27 8.96 2.83 1.31
C HIS A 27 7.43 2.68 1.31
N LEU A 28 6.88 2.31 2.47
CA LEU A 28 5.44 2.12 2.60
C LEU A 28 4.73 3.47 2.73
N THR A 29 5.16 4.27 3.71
CA THR A 29 4.56 5.58 3.94
C THR A 29 4.60 6.42 2.67
N GLN A 30 5.67 6.27 1.89
CA GLN A 30 5.83 7.02 0.65
C GLN A 30 4.87 6.51 -0.42
N HIS A 31 4.41 5.28 -0.27
CA HIS A 31 3.49 4.68 -1.22
C HIS A 31 2.04 5.00 -0.86
N GLN A 32 1.75 4.99 0.44
CA GLN A 32 0.41 5.28 0.92
C GLN A 32 -0.03 6.68 0.51
N ARG A 33 0.94 7.50 0.13
CA ARG A 33 0.66 8.87 -0.29
C ARG A 33 -0.33 8.90 -1.46
N VAL A 34 -0.37 7.80 -2.21
CA VAL A 34 -1.26 7.69 -3.35
C VAL A 34 -2.72 7.56 -2.90
N HIS A 35 -2.92 6.92 -1.76
CA HIS A 35 -4.27 6.73 -1.21
C HIS A 35 -4.66 7.91 -0.33
N THR A 36 -3.77 8.88 -0.21
CA THR A 36 -4.03 10.06 0.61
C THR A 36 -3.84 11.34 -0.20
N GLY A 37 -4.94 12.05 -0.43
CA GLY A 37 -4.88 13.29 -1.19
C GLY A 37 -4.20 14.40 -0.43
N GLU A 38 -4.79 15.59 -0.46
CA GLU A 38 -4.23 16.75 0.24
C GLU A 38 -5.08 17.12 1.44
N LYS A 39 -4.45 17.73 2.45
CA LYS A 39 -5.15 18.14 3.65
C LYS A 39 -6.51 18.73 3.31
N PRO A 40 -7.47 18.60 4.26
CA PRO A 40 -8.83 19.12 4.08
C PRO A 40 -8.88 20.64 4.10
N SER A 41 -7.96 21.24 4.85
CA SER A 41 -7.91 22.70 4.96
C SER A 41 -7.67 23.34 3.59
N GLY A 42 -8.44 24.38 3.29
CA GLY A 42 -8.30 25.05 2.02
C GLY A 42 -7.10 25.99 1.99
N PRO A 43 -6.82 26.57 0.81
CA PRO A 43 -5.71 27.49 0.63
C PRO A 43 -5.93 28.83 1.33
N SER A 44 -4.85 29.57 1.55
CA SER A 44 -4.93 30.86 2.21
C SER A 44 -5.90 31.79 1.47
N SER A 45 -6.66 32.57 2.23
CA SER A 45 -7.62 33.50 1.65
C SER A 45 -7.13 34.94 1.76
N GLY A 46 -7.76 35.83 1.00
CA GLY A 46 -7.36 37.23 1.03
C GLY A 46 -6.66 37.67 -0.25
N GLY A 1 -9.04 -18.76 -11.29
CA GLY A 1 -7.79 -18.52 -10.59
C GLY A 1 -7.64 -17.09 -10.13
N SER A 2 -6.48 -16.76 -9.59
CA SER A 2 -6.20 -15.41 -9.11
C SER A 2 -4.71 -15.13 -9.07
N SER A 3 -4.29 -14.08 -9.77
CA SER A 3 -2.88 -13.70 -9.83
C SER A 3 -2.71 -12.31 -10.41
N GLY A 4 -2.02 -11.44 -9.67
CA GLY A 4 -1.80 -10.08 -10.12
C GLY A 4 -0.82 -9.33 -9.24
N SER A 5 -1.34 -8.77 -8.14
CA SER A 5 -0.51 -8.01 -7.21
C SER A 5 -0.45 -8.69 -5.85
N SER A 6 0.67 -9.35 -5.58
CA SER A 6 0.85 -10.04 -4.31
C SER A 6 2.10 -9.54 -3.58
N GLY A 7 3.25 -9.65 -4.25
CA GLY A 7 4.49 -9.20 -3.64
C GLY A 7 5.01 -10.16 -2.60
N THR A 8 5.09 -11.45 -2.95
CA THR A 8 5.56 -12.46 -2.02
C THR A 8 6.83 -12.01 -1.31
N GLY A 9 6.73 -11.83 0.01
CA GLY A 9 7.88 -11.40 0.78
C GLY A 9 7.61 -11.41 2.27
N GLU A 10 6.36 -11.16 2.64
CA GLU A 10 5.97 -11.13 4.04
C GLU A 10 6.75 -10.06 4.81
N LYS A 11 6.88 -8.89 4.19
CA LYS A 11 7.61 -7.79 4.81
C LYS A 11 6.91 -7.34 6.09
N PRO A 12 7.68 -6.68 6.98
CA PRO A 12 7.16 -6.18 8.25
C PRO A 12 6.20 -5.00 8.06
N PHE A 13 6.08 -4.55 6.82
CA PHE A 13 5.20 -3.42 6.51
C PHE A 13 4.30 -3.75 5.32
N LYS A 14 3.06 -3.28 5.38
CA LYS A 14 2.09 -3.52 4.31
C LYS A 14 1.07 -2.39 4.24
N CYS A 15 0.44 -2.25 3.08
CA CYS A 15 -0.57 -1.21 2.87
C CYS A 15 -1.97 -1.81 2.82
N GLY A 16 -2.81 -1.42 3.78
CA GLY A 16 -4.17 -1.93 3.83
C GLY A 16 -5.06 -1.32 2.75
N GLU A 17 -4.65 -0.16 2.24
CA GLU A 17 -5.41 0.53 1.21
C GLU A 17 -5.55 -0.35 -0.03
N CYS A 18 -4.42 -0.70 -0.63
CA CYS A 18 -4.41 -1.54 -1.83
C CYS A 18 -4.00 -2.97 -1.49
N GLY A 19 -2.93 -3.10 -0.71
CA GLY A 19 -2.45 -4.41 -0.32
C GLY A 19 -1.01 -4.65 -0.73
N LYS A 20 -0.22 -3.58 -0.74
CA LYS A 20 1.18 -3.68 -1.11
C LYS A 20 2.06 -3.91 0.12
N SER A 21 3.36 -4.05 -0.11
CA SER A 21 4.30 -4.28 0.98
C SER A 21 5.69 -3.79 0.61
N TYR A 22 6.43 -3.30 1.60
CA TYR A 22 7.78 -2.78 1.38
C TYR A 22 8.71 -3.22 2.50
N ASN A 23 9.86 -3.78 2.12
CA ASN A 23 10.83 -4.24 3.10
C ASN A 23 11.03 -3.21 4.21
N GLN A 24 11.07 -1.94 3.82
CA GLN A 24 11.26 -0.86 4.77
C GLN A 24 9.95 -0.08 4.97
N ARG A 25 9.85 0.62 6.09
CA ARG A 25 8.67 1.40 6.40
C ARG A 25 8.62 2.68 5.56
N VAL A 26 9.77 3.34 5.42
CA VAL A 26 9.87 4.56 4.66
C VAL A 26 9.29 4.38 3.26
N HIS A 27 9.46 3.18 2.71
CA HIS A 27 8.94 2.87 1.37
C HIS A 27 7.43 2.74 1.39
N LEU A 28 6.89 2.22 2.49
CA LEU A 28 5.46 2.03 2.64
C LEU A 28 4.75 3.38 2.84
N THR A 29 5.14 4.08 3.90
CA THR A 29 4.54 5.37 4.22
C THR A 29 4.53 6.29 2.99
N GLN A 30 5.61 6.23 2.22
CA GLN A 30 5.72 7.06 1.02
C GLN A 30 4.77 6.56 -0.07
N HIS A 31 4.45 5.27 -0.02
CA HIS A 31 3.55 4.66 -1.00
C HIS A 31 2.10 4.96 -0.66
N GLN A 32 1.80 5.03 0.63
CA GLN A 32 0.43 5.29 1.09
C GLN A 32 -0.09 6.60 0.50
N ARG A 33 0.83 7.46 0.07
CA ARG A 33 0.46 8.74 -0.53
C ARG A 33 -0.43 8.54 -1.75
N VAL A 34 -0.21 7.44 -2.46
CA VAL A 34 -0.99 7.13 -3.66
C VAL A 34 -2.47 7.02 -3.32
N HIS A 35 -2.77 6.88 -2.04
CA HIS A 35 -4.16 6.75 -1.58
C HIS A 35 -4.60 8.02 -0.85
N THR A 36 -3.64 8.72 -0.27
CA THR A 36 -3.94 9.94 0.47
C THR A 36 -3.46 11.17 -0.29
N GLY A 37 -3.71 11.19 -1.60
CA GLY A 37 -3.30 12.31 -2.43
C GLY A 37 -3.42 13.64 -1.70
N GLU A 38 -2.28 14.22 -1.36
CA GLU A 38 -2.26 15.50 -0.65
C GLU A 38 -2.26 16.67 -1.64
N LYS A 39 -2.62 17.85 -1.15
CA LYS A 39 -2.65 19.04 -1.98
C LYS A 39 -2.47 20.30 -1.14
N PRO A 40 -1.77 21.30 -1.71
CA PRO A 40 -1.50 22.57 -1.03
C PRO A 40 -2.77 23.42 -0.88
N SER A 41 -3.60 23.40 -1.91
CA SER A 41 -4.84 24.18 -1.89
C SER A 41 -5.65 23.87 -0.64
N GLY A 42 -5.78 24.86 0.24
CA GLY A 42 -6.53 24.69 1.46
C GLY A 42 -6.50 25.92 2.35
N PRO A 43 -7.57 26.13 3.12
CA PRO A 43 -7.69 27.28 4.02
C PRO A 43 -6.74 27.18 5.21
N SER A 44 -6.23 25.97 5.45
CA SER A 44 -5.31 25.75 6.56
C SER A 44 -4.02 26.52 6.37
N SER A 45 -3.40 26.37 5.20
CA SER A 45 -2.14 27.06 4.90
C SER A 45 -2.41 28.30 4.03
N GLY A 46 -3.60 28.86 4.17
CA GLY A 46 -3.96 30.03 3.39
C GLY A 46 -4.10 29.73 1.92
N GLY A 1 -10.65 -15.91 -4.09
CA GLY A 1 -9.92 -16.40 -5.24
C GLY A 1 -8.93 -17.50 -4.88
N SER A 2 -7.97 -17.73 -5.77
CA SER A 2 -6.95 -18.75 -5.55
C SER A 2 -5.65 -18.14 -5.02
N SER A 3 -4.69 -18.99 -4.69
CA SER A 3 -3.41 -18.53 -4.19
C SER A 3 -2.26 -19.33 -4.81
N GLY A 4 -1.10 -18.70 -4.89
CA GLY A 4 0.06 -19.34 -5.47
C GLY A 4 1.37 -18.68 -5.08
N SER A 5 1.46 -18.25 -3.83
CA SER A 5 2.65 -17.58 -3.33
C SER A 5 3.63 -18.59 -2.74
N SER A 6 4.66 -18.95 -3.51
CA SER A 6 5.66 -19.91 -3.07
C SER A 6 6.79 -19.21 -2.31
N GLY A 7 6.54 -18.91 -1.04
CA GLY A 7 7.54 -18.24 -0.23
C GLY A 7 8.32 -17.19 -1.02
N THR A 8 7.68 -16.05 -1.27
CA THR A 8 8.32 -14.97 -2.01
C THR A 8 9.20 -14.12 -1.10
N GLY A 9 8.58 -13.48 -0.12
CA GLY A 9 9.32 -12.65 0.81
C GLY A 9 8.41 -11.85 1.73
N GLU A 10 8.09 -12.42 2.88
CA GLU A 10 7.22 -11.75 3.85
C GLU A 10 7.86 -10.47 4.34
N LYS A 11 7.13 -9.36 4.22
CA LYS A 11 7.62 -8.06 4.67
C LYS A 11 7.00 -7.68 6.01
N PRO A 12 7.79 -6.97 6.84
CA PRO A 12 7.34 -6.53 8.17
C PRO A 12 6.28 -5.43 8.08
N PHE A 13 6.18 -4.81 6.91
CA PHE A 13 5.21 -3.74 6.69
C PHE A 13 4.29 -4.06 5.52
N LYS A 14 3.06 -3.59 5.60
CA LYS A 14 2.07 -3.83 4.55
C LYS A 14 1.02 -2.72 4.52
N CYS A 15 0.61 -2.33 3.32
CA CYS A 15 -0.39 -1.28 3.16
C CYS A 15 -1.80 -1.84 3.34
N GLY A 16 -2.44 -1.47 4.45
CA GLY A 16 -3.78 -1.95 4.72
C GLY A 16 -4.84 -1.16 3.97
N GLU A 17 -4.56 -0.88 2.70
CA GLU A 17 -5.50 -0.13 1.86
C GLU A 17 -5.69 -0.81 0.51
N CYS A 18 -4.57 -1.07 -0.17
CA CYS A 18 -4.60 -1.71 -1.48
C CYS A 18 -4.04 -3.13 -1.40
N GLY A 19 -2.94 -3.29 -0.66
CA GLY A 19 -2.32 -4.59 -0.53
C GLY A 19 -0.87 -4.59 -0.96
N LYS A 20 -0.24 -3.42 -0.90
CA LYS A 20 1.16 -3.28 -1.29
C LYS A 20 2.07 -3.33 -0.07
N SER A 21 3.03 -4.27 -0.09
CA SER A 21 3.95 -4.42 1.03
C SER A 21 5.33 -3.90 0.65
N TYR A 22 6.13 -3.55 1.66
CA TYR A 22 7.47 -3.03 1.43
C TYR A 22 8.44 -3.54 2.50
N ASN A 23 9.72 -3.62 2.14
CA ASN A 23 10.74 -4.08 3.07
C ASN A 23 11.10 -3.00 4.08
N GLN A 24 10.97 -1.74 3.65
CA GLN A 24 11.29 -0.61 4.52
C GLN A 24 10.03 0.17 4.88
N ARG A 25 9.94 0.60 6.13
CA ARG A 25 8.79 1.36 6.60
C ARG A 25 8.67 2.69 5.85
N VAL A 26 9.81 3.33 5.62
CA VAL A 26 9.83 4.61 4.91
C VAL A 26 9.35 4.46 3.47
N HIS A 27 9.57 3.28 2.90
CA HIS A 27 9.15 3.01 1.53
C HIS A 27 7.64 2.82 1.45
N LEU A 28 7.03 2.53 2.59
CA LEU A 28 5.58 2.33 2.65
C LEU A 28 4.85 3.66 2.84
N THR A 29 5.22 4.39 3.90
CA THR A 29 4.61 5.67 4.19
C THR A 29 4.55 6.55 2.95
N GLN A 30 5.54 6.40 2.07
CA GLN A 30 5.60 7.17 0.84
C GLN A 30 4.58 6.67 -0.18
N HIS A 31 4.39 5.36 -0.21
CA HIS A 31 3.43 4.75 -1.14
C HIS A 31 1.99 5.12 -0.77
N GLN A 32 1.67 5.02 0.52
CA GLN A 32 0.34 5.35 1.00
C GLN A 32 -0.14 6.66 0.41
N ARG A 33 0.80 7.50 0.00
CA ARG A 33 0.46 8.80 -0.58
C ARG A 33 -0.43 8.62 -1.81
N VAL A 34 -0.10 7.66 -2.65
CA VAL A 34 -0.86 7.39 -3.86
C VAL A 34 -2.35 7.29 -3.55
N HIS A 35 -2.68 6.93 -2.31
CA HIS A 35 -4.07 6.79 -1.89
C HIS A 35 -4.62 8.14 -1.44
N THR A 36 -4.03 9.22 -1.94
CA THR A 36 -4.47 10.56 -1.59
C THR A 36 -5.61 11.02 -2.48
N GLY A 37 -6.79 11.20 -1.88
CA GLY A 37 -7.96 11.63 -2.64
C GLY A 37 -8.34 13.06 -2.32
N GLU A 38 -8.29 13.93 -3.34
CA GLU A 38 -8.65 15.33 -3.17
C GLU A 38 -10.12 15.57 -3.49
N LYS A 39 -10.97 14.62 -3.10
CA LYS A 39 -12.40 14.72 -3.35
C LYS A 39 -13.21 14.25 -2.15
N PRO A 40 -14.40 14.83 -1.96
CA PRO A 40 -15.28 14.47 -0.84
C PRO A 40 -15.87 13.08 -1.00
N SER A 41 -15.82 12.30 0.08
CA SER A 41 -16.35 10.94 0.06
C SER A 41 -17.87 10.95 0.20
N GLY A 42 -18.57 10.80 -0.92
CA GLY A 42 -20.01 10.79 -0.90
C GLY A 42 -20.61 11.71 -1.95
N PRO A 43 -21.92 11.56 -2.20
CA PRO A 43 -22.64 12.38 -3.18
C PRO A 43 -22.79 13.83 -2.73
N SER A 44 -22.28 14.75 -3.53
CA SER A 44 -22.36 16.17 -3.22
C SER A 44 -23.68 16.50 -2.53
N SER A 45 -23.63 17.38 -1.54
CA SER A 45 -24.83 17.78 -0.80
C SER A 45 -25.92 18.26 -1.76
N GLY A 46 -27.17 17.92 -1.44
CA GLY A 46 -28.27 18.31 -2.29
C GLY A 46 -28.38 17.48 -3.54
N GLY A 1 -8.47 -30.16 -1.42
CA GLY A 1 -9.05 -28.86 -1.19
C GLY A 1 -9.06 -28.00 -2.43
N SER A 2 -8.84 -26.70 -2.25
CA SER A 2 -8.82 -25.76 -3.36
C SER A 2 -7.43 -25.14 -3.53
N SER A 3 -7.19 -24.59 -4.71
CA SER A 3 -5.91 -23.96 -5.01
C SER A 3 -6.05 -22.45 -5.14
N GLY A 4 -4.94 -21.73 -4.97
CA GLY A 4 -4.97 -20.28 -5.07
C GLY A 4 -3.62 -19.67 -4.77
N SER A 5 -3.58 -18.77 -3.79
CA SER A 5 -2.35 -18.10 -3.41
C SER A 5 -2.09 -18.23 -1.90
N SER A 6 -0.92 -18.74 -1.56
CA SER A 6 -0.56 -18.92 -0.16
C SER A 6 0.00 -17.63 0.43
N GLY A 7 0.93 -17.01 -0.29
CA GLY A 7 1.53 -15.77 0.17
C GLY A 7 2.69 -15.33 -0.69
N THR A 8 3.00 -14.04 -0.65
CA THR A 8 4.10 -13.49 -1.44
C THR A 8 5.06 -12.69 -0.56
N GLY A 9 6.10 -13.35 -0.07
CA GLY A 9 7.07 -12.69 0.77
C GLY A 9 6.56 -12.44 2.17
N GLU A 10 7.46 -12.07 3.08
CA GLU A 10 7.08 -11.80 4.45
C GLU A 10 7.69 -10.49 4.94
N LYS A 11 7.01 -9.39 4.66
CA LYS A 11 7.48 -8.07 5.07
C LYS A 11 6.78 -7.61 6.35
N PRO A 12 7.52 -6.91 7.21
CA PRO A 12 7.00 -6.39 8.47
C PRO A 12 5.98 -5.26 8.27
N PHE A 13 5.92 -4.76 7.04
CA PHE A 13 5.00 -3.68 6.72
C PHE A 13 4.12 -4.05 5.52
N LYS A 14 2.86 -3.62 5.55
CA LYS A 14 1.93 -3.89 4.47
C LYS A 14 0.87 -2.81 4.37
N CYS A 15 0.57 -2.39 3.14
CA CYS A 15 -0.42 -1.35 2.91
C CYS A 15 -1.84 -1.92 2.96
N GLY A 16 -2.60 -1.51 3.95
CA GLY A 16 -3.96 -1.99 4.09
C GLY A 16 -4.97 -1.15 3.33
N GLU A 17 -4.64 -0.82 2.09
CA GLU A 17 -5.52 -0.02 1.26
C GLU A 17 -5.65 -0.63 -0.14
N CYS A 18 -4.54 -1.09 -0.69
CA CYS A 18 -4.54 -1.69 -2.02
C CYS A 18 -3.97 -3.11 -1.97
N GLY A 19 -2.89 -3.28 -1.22
CA GLY A 19 -2.27 -4.59 -1.10
C GLY A 19 -0.81 -4.58 -1.51
N LYS A 20 -0.08 -3.57 -1.08
CA LYS A 20 1.34 -3.44 -1.40
C LYS A 20 2.19 -3.44 -0.14
N SER A 21 3.13 -4.38 -0.07
CA SER A 21 4.01 -4.50 1.09
C SER A 21 5.41 -4.01 0.75
N TYR A 22 6.17 -3.64 1.78
CA TYR A 22 7.53 -3.15 1.60
C TYR A 22 8.42 -3.58 2.76
N ASN A 23 9.70 -3.74 2.48
CA ASN A 23 10.67 -4.14 3.51
C ASN A 23 11.08 -2.95 4.36
N GLN A 24 11.09 -1.77 3.76
CA GLN A 24 11.46 -0.54 4.46
C GLN A 24 10.23 0.28 4.80
N ARG A 25 10.33 1.08 5.87
CA ARG A 25 9.23 1.93 6.30
C ARG A 25 9.08 3.14 5.38
N VAL A 26 10.20 3.77 5.04
CA VAL A 26 10.19 4.95 4.17
C VAL A 26 9.62 4.59 2.81
N HIS A 27 9.44 3.30 2.55
CA HIS A 27 8.90 2.84 1.28
C HIS A 27 7.39 2.66 1.36
N LEU A 28 6.88 2.40 2.56
CA LEU A 28 5.45 2.21 2.77
C LEU A 28 4.74 3.54 2.89
N THR A 29 5.26 4.41 3.76
CA THR A 29 4.66 5.72 3.98
C THR A 29 4.60 6.52 2.68
N GLN A 30 5.64 6.37 1.85
CA GLN A 30 5.70 7.07 0.57
C GLN A 30 4.72 6.46 -0.43
N HIS A 31 4.26 5.25 -0.15
CA HIS A 31 3.32 4.56 -1.02
C HIS A 31 1.88 4.83 -0.60
N GLN A 32 1.64 4.85 0.71
CA GLN A 32 0.30 5.10 1.24
C GLN A 32 -0.19 6.47 0.83
N ARG A 33 0.73 7.38 0.53
CA ARG A 33 0.39 8.73 0.12
C ARG A 33 -0.38 8.72 -1.20
N VAL A 34 -0.11 7.72 -2.03
CA VAL A 34 -0.78 7.60 -3.32
C VAL A 34 -2.28 7.41 -3.15
N HIS A 35 -2.69 7.07 -1.93
CA HIS A 35 -4.11 6.87 -1.63
C HIS A 35 -4.70 8.10 -0.95
N THR A 36 -3.84 8.93 -0.37
CA THR A 36 -4.27 10.14 0.31
C THR A 36 -3.83 11.38 -0.46
N GLY A 37 -4.58 11.73 -1.50
CA GLY A 37 -4.25 12.90 -2.29
C GLY A 37 -2.76 13.03 -2.53
N GLU A 38 -2.30 14.25 -2.82
CA GLU A 38 -0.89 14.51 -3.06
C GLU A 38 -0.39 15.64 -2.19
N LYS A 39 0.72 15.38 -1.49
CA LYS A 39 1.32 16.39 -0.61
C LYS A 39 1.21 17.79 -1.22
N PRO A 40 0.99 18.80 -0.36
CA PRO A 40 0.88 20.19 -0.79
C PRO A 40 2.21 20.76 -1.29
N SER A 41 2.19 21.29 -2.50
CA SER A 41 3.40 21.87 -3.09
C SER A 41 4.03 22.88 -2.14
N GLY A 42 5.36 22.85 -2.05
CA GLY A 42 6.07 23.77 -1.17
C GLY A 42 6.97 24.72 -1.94
N PRO A 43 7.97 25.28 -1.25
CA PRO A 43 8.92 26.22 -1.85
C PRO A 43 9.86 25.54 -2.84
N SER A 44 9.84 24.21 -2.85
CA SER A 44 10.69 23.45 -3.75
C SER A 44 9.99 23.19 -5.08
N SER A 45 9.34 24.21 -5.60
CA SER A 45 8.62 24.10 -6.86
C SER A 45 9.52 23.53 -7.96
N GLY A 46 10.70 24.12 -8.11
CA GLY A 46 11.64 23.65 -9.11
C GLY A 46 12.27 22.32 -8.74
N GLY A 1 -6.70 -26.60 -7.84
CA GLY A 1 -6.93 -26.72 -6.42
C GLY A 1 -5.65 -26.97 -5.64
N SER A 2 -4.59 -26.26 -6.01
CA SER A 2 -3.29 -26.40 -5.35
C SER A 2 -3.25 -25.57 -4.06
N SER A 3 -2.68 -26.16 -3.01
CA SER A 3 -2.57 -25.48 -1.72
C SER A 3 -2.18 -24.02 -1.91
N GLY A 4 -1.06 -23.80 -2.60
CA GLY A 4 -0.59 -22.45 -2.85
C GLY A 4 0.92 -22.38 -2.97
N SER A 5 1.62 -23.23 -2.23
CA SER A 5 3.07 -23.25 -2.24
C SER A 5 3.65 -21.83 -2.23
N SER A 6 3.17 -21.02 -1.30
CA SER A 6 3.62 -19.64 -1.18
C SER A 6 4.37 -19.42 0.13
N GLY A 7 5.70 -19.54 0.07
CA GLY A 7 6.52 -19.35 1.25
C GLY A 7 7.86 -18.71 0.94
N THR A 8 7.86 -17.41 0.72
CA THR A 8 9.08 -16.68 0.41
C THR A 8 9.54 -15.85 1.60
N GLY A 9 8.65 -15.06 2.15
CA GLY A 9 8.98 -14.22 3.29
C GLY A 9 7.92 -13.20 3.61
N GLU A 10 7.83 -12.80 4.87
CA GLU A 10 6.84 -11.81 5.29
C GLU A 10 7.50 -10.47 5.58
N LYS A 11 6.98 -9.42 4.97
CA LYS A 11 7.51 -8.07 5.16
C LYS A 11 7.01 -7.47 6.46
N PRO A 12 7.88 -6.70 7.12
CA PRO A 12 7.55 -6.05 8.40
C PRO A 12 6.54 -4.92 8.23
N PHE A 13 6.24 -4.58 6.98
CA PHE A 13 5.28 -3.53 6.68
C PHE A 13 4.36 -3.93 5.53
N LYS A 14 3.14 -3.41 5.55
CA LYS A 14 2.16 -3.71 4.51
C LYS A 14 1.15 -2.58 4.37
N CYS A 15 0.65 -2.40 3.15
CA CYS A 15 -0.32 -1.35 2.88
C CYS A 15 -1.75 -1.88 3.02
N GLY A 16 -2.52 -1.27 3.92
CA GLY A 16 -3.88 -1.70 4.13
C GLY A 16 -4.89 -0.90 3.32
N GLU A 17 -4.49 -0.54 2.10
CA GLU A 17 -5.36 0.24 1.21
C GLU A 17 -5.52 -0.47 -0.14
N CYS A 18 -4.41 -0.95 -0.69
CA CYS A 18 -4.43 -1.64 -1.97
C CYS A 18 -3.91 -3.06 -1.84
N GLY A 19 -2.87 -3.23 -1.03
CA GLY A 19 -2.29 -4.55 -0.82
C GLY A 19 -0.83 -4.61 -1.24
N LYS A 20 -0.13 -3.50 -1.09
CA LYS A 20 1.28 -3.42 -1.45
C LYS A 20 2.16 -3.45 -0.21
N SER A 21 3.07 -4.41 -0.16
CA SER A 21 3.98 -4.55 0.98
C SER A 21 5.39 -4.07 0.61
N TYR A 22 6.14 -3.64 1.62
CA TYR A 22 7.50 -3.16 1.40
C TYR A 22 8.43 -3.63 2.52
N ASN A 23 9.71 -3.78 2.19
CA ASN A 23 10.69 -4.23 3.16
C ASN A 23 11.18 -3.07 4.02
N GLN A 24 10.76 -1.87 3.66
CA GLN A 24 11.14 -0.67 4.40
C GLN A 24 9.92 0.19 4.72
N ARG A 25 9.80 0.59 5.99
CA ARG A 25 8.68 1.41 6.42
C ARG A 25 8.60 2.70 5.60
N VAL A 26 9.75 3.30 5.33
CA VAL A 26 9.81 4.53 4.55
C VAL A 26 9.14 4.35 3.18
N HIS A 27 9.26 3.14 2.63
CA HIS A 27 8.66 2.85 1.34
C HIS A 27 7.15 2.76 1.44
N LEU A 28 6.67 2.30 2.59
CA LEU A 28 5.23 2.16 2.82
C LEU A 28 4.58 3.53 3.00
N THR A 29 5.04 4.28 3.98
CA THR A 29 4.50 5.61 4.26
C THR A 29 4.52 6.47 3.01
N GLN A 30 5.62 6.41 2.26
CA GLN A 30 5.75 7.19 1.03
C GLN A 30 4.79 6.69 -0.03
N HIS A 31 4.58 5.38 -0.07
CA HIS A 31 3.68 4.78 -1.06
C HIS A 31 2.23 5.12 -0.74
N GLN A 32 1.92 5.23 0.55
CA GLN A 32 0.56 5.56 0.97
C GLN A 32 0.10 6.88 0.36
N ARG A 33 1.04 7.64 -0.17
CA ARG A 33 0.73 8.93 -0.79
C ARG A 33 -0.28 8.76 -1.92
N VAL A 34 -0.30 7.56 -2.51
CA VAL A 34 -1.22 7.26 -3.61
C VAL A 34 -2.64 7.06 -3.10
N HIS A 35 -2.78 6.92 -1.78
CA HIS A 35 -4.09 6.72 -1.17
C HIS A 35 -4.49 7.95 -0.36
N THR A 36 -3.51 8.75 0.03
CA THR A 36 -3.78 9.96 0.81
C THR A 36 -3.12 11.17 0.16
N GLY A 37 -3.91 11.95 -0.57
CA GLY A 37 -3.39 13.13 -1.23
C GLY A 37 -4.45 13.86 -2.03
N GLU A 38 -4.29 13.86 -3.35
CA GLU A 38 -5.25 14.53 -4.24
C GLU A 38 -5.73 15.83 -3.61
N LYS A 39 -4.79 16.62 -3.10
CA LYS A 39 -5.12 17.90 -2.48
C LYS A 39 -3.95 18.88 -2.61
N PRO A 40 -4.28 20.17 -2.80
CA PRO A 40 -3.27 21.23 -2.95
C PRO A 40 -2.55 21.51 -1.64
N SER A 41 -1.26 21.83 -1.74
CA SER A 41 -0.45 22.11 -0.56
C SER A 41 -0.02 23.58 -0.55
N GLY A 42 0.78 23.95 0.45
CA GLY A 42 1.25 25.31 0.56
C GLY A 42 2.75 25.39 0.81
N PRO A 43 3.13 25.50 2.09
CA PRO A 43 4.53 25.59 2.48
C PRO A 43 5.28 24.28 2.27
N SER A 44 5.69 24.03 1.03
CA SER A 44 6.41 22.81 0.69
C SER A 44 7.20 22.99 -0.61
N SER A 45 8.22 22.15 -0.80
CA SER A 45 9.04 22.22 -2.00
C SER A 45 8.73 21.05 -2.93
N GLY A 46 9.28 21.11 -4.14
CA GLY A 46 9.05 20.06 -5.11
C GLY A 46 8.08 20.47 -6.19
N GLY A 1 -14.80 -13.57 -12.50
CA GLY A 1 -13.58 -14.05 -11.87
C GLY A 1 -12.33 -13.61 -12.61
N SER A 2 -11.63 -12.63 -12.06
CA SER A 2 -10.41 -12.12 -12.67
C SER A 2 -9.18 -12.81 -12.10
N SER A 3 -8.01 -12.45 -12.63
CA SER A 3 -6.76 -13.04 -12.17
C SER A 3 -6.43 -12.60 -10.75
N GLY A 4 -6.83 -13.40 -9.77
CA GLY A 4 -6.58 -13.08 -8.39
C GLY A 4 -6.02 -14.26 -7.60
N SER A 5 -5.19 -13.97 -6.61
CA SER A 5 -4.60 -15.01 -5.79
C SER A 5 -3.92 -14.41 -4.55
N SER A 6 -4.17 -15.02 -3.40
CA SER A 6 -3.60 -14.55 -2.14
C SER A 6 -2.09 -14.38 -2.26
N GLY A 7 -1.49 -13.69 -1.30
CA GLY A 7 -0.06 -13.47 -1.32
C GLY A 7 0.49 -13.14 0.06
N THR A 8 0.61 -14.16 0.90
CA THR A 8 1.13 -13.99 2.25
C THR A 8 2.50 -13.32 2.24
N GLY A 9 2.53 -12.04 2.61
CA GLY A 9 3.79 -11.30 2.63
C GLY A 9 4.52 -11.46 3.94
N GLU A 10 5.85 -11.58 3.86
CA GLU A 10 6.67 -11.74 5.05
C GLU A 10 7.39 -10.44 5.39
N LYS A 11 6.89 -9.33 4.85
CA LYS A 11 7.48 -8.02 5.09
C LYS A 11 6.99 -7.44 6.42
N PRO A 12 7.88 -6.69 7.09
CA PRO A 12 7.57 -6.06 8.38
C PRO A 12 6.55 -4.94 8.25
N PHE A 13 6.20 -4.60 7.01
CA PHE A 13 5.24 -3.54 6.75
C PHE A 13 4.36 -3.89 5.56
N LYS A 14 3.10 -3.46 5.61
CA LYS A 14 2.15 -3.72 4.53
C LYS A 14 1.10 -2.62 4.45
N CYS A 15 0.68 -2.30 3.23
CA CYS A 15 -0.33 -1.27 3.02
C CYS A 15 -1.74 -1.84 3.11
N GLY A 16 -2.56 -1.26 3.97
CA GLY A 16 -3.91 -1.73 4.14
C GLY A 16 -4.91 -0.91 3.35
N GLU A 17 -4.56 -0.62 2.09
CA GLU A 17 -5.44 0.16 1.22
C GLU A 17 -5.61 -0.53 -0.13
N CYS A 18 -4.50 -0.94 -0.72
CA CYS A 18 -4.52 -1.60 -2.02
C CYS A 18 -3.97 -3.03 -1.91
N GLY A 19 -2.88 -3.18 -1.17
CA GLY A 19 -2.27 -4.49 -1.00
C GLY A 19 -0.83 -4.52 -1.44
N LYS A 20 -0.04 -3.55 -0.99
CA LYS A 20 1.36 -3.47 -1.34
C LYS A 20 2.25 -3.56 -0.10
N SER A 21 3.24 -4.44 -0.13
CA SER A 21 4.15 -4.62 1.00
C SER A 21 5.52 -4.04 0.68
N TYR A 22 6.18 -3.52 1.70
CA TYR A 22 7.51 -2.93 1.53
C TYR A 22 8.45 -3.37 2.65
N ASN A 23 9.65 -3.77 2.29
CA ASN A 23 10.64 -4.21 3.26
C ASN A 23 10.98 -3.09 4.23
N GLN A 24 10.98 -1.86 3.73
CA GLN A 24 11.29 -0.70 4.55
C GLN A 24 10.04 0.12 4.83
N ARG A 25 9.88 0.53 6.09
CA ARG A 25 8.72 1.32 6.48
C ARG A 25 8.62 2.60 5.65
N VAL A 26 9.76 3.26 5.47
CA VAL A 26 9.81 4.51 4.70
C VAL A 26 9.34 4.27 3.26
N HIS A 27 9.42 3.02 2.81
CA HIS A 27 9.00 2.67 1.46
C HIS A 27 7.50 2.45 1.39
N LEU A 28 6.87 2.31 2.55
CA LEU A 28 5.43 2.09 2.62
C LEU A 28 4.69 3.41 2.80
N THR A 29 5.13 4.21 3.76
CA THR A 29 4.52 5.51 4.02
C THR A 29 4.53 6.39 2.78
N GLN A 30 5.59 6.28 1.99
CA GLN A 30 5.72 7.06 0.77
C GLN A 30 4.74 6.59 -0.30
N HIS A 31 4.40 5.30 -0.25
CA HIS A 31 3.47 4.71 -1.21
C HIS A 31 2.05 5.11 -0.89
N GLN A 32 1.71 5.11 0.40
CA GLN A 32 0.37 5.47 0.85
C GLN A 32 -0.05 6.83 0.29
N ARG A 33 0.94 7.62 -0.12
CA ARG A 33 0.68 8.94 -0.67
C ARG A 33 -0.47 8.90 -1.66
N VAL A 34 -0.44 7.93 -2.57
CA VAL A 34 -1.48 7.78 -3.57
C VAL A 34 -2.85 7.61 -2.93
N HIS A 35 -2.89 6.87 -1.81
CA HIS A 35 -4.14 6.63 -1.10
C HIS A 35 -4.54 7.86 -0.29
N THR A 36 -3.63 8.83 -0.19
CA THR A 36 -3.89 10.05 0.56
C THR A 36 -3.66 11.28 -0.31
N GLY A 37 -4.24 11.27 -1.51
CA GLY A 37 -4.09 12.39 -2.43
C GLY A 37 -5.09 12.34 -3.56
N GLU A 38 -5.13 13.41 -4.35
CA GLU A 38 -6.04 13.48 -5.48
C GLU A 38 -7.48 13.72 -5.01
N LYS A 39 -7.61 14.53 -3.97
CA LYS A 39 -8.93 14.85 -3.41
C LYS A 39 -9.00 16.31 -2.99
N PRO A 40 -10.18 16.92 -3.19
CA PRO A 40 -10.42 18.33 -2.83
C PRO A 40 -10.44 18.55 -1.32
N SER A 41 -10.99 17.58 -0.59
CA SER A 41 -11.08 17.68 0.86
C SER A 41 -11.77 18.97 1.28
N GLY A 42 -12.75 19.40 0.49
CA GLY A 42 -13.47 20.62 0.80
C GLY A 42 -12.82 21.85 0.19
N PRO A 43 -13.15 23.03 0.74
CA PRO A 43 -12.61 24.30 0.26
C PRO A 43 -11.13 24.46 0.59
N SER A 44 -10.59 23.49 1.33
CA SER A 44 -9.19 23.52 1.72
C SER A 44 -8.29 23.83 0.52
N SER A 45 -8.65 23.28 -0.63
CA SER A 45 -7.89 23.49 -1.86
C SER A 45 -8.52 24.59 -2.71
N GLY A 46 -7.81 25.71 -2.84
CA GLY A 46 -8.31 26.82 -3.62
C GLY A 46 -7.58 26.97 -4.94
N GLY A 1 1.34 -31.28 -10.23
CA GLY A 1 0.92 -30.59 -9.03
C GLY A 1 1.09 -29.09 -9.13
N SER A 2 0.76 -28.38 -8.05
CA SER A 2 0.87 -26.93 -8.04
C SER A 2 2.33 -26.49 -7.93
N SER A 3 2.56 -25.20 -8.12
CA SER A 3 3.92 -24.66 -8.06
C SER A 3 3.90 -23.17 -7.69
N GLY A 4 4.68 -22.80 -6.69
CA GLY A 4 4.74 -21.42 -6.26
C GLY A 4 6.12 -21.01 -5.78
N SER A 5 6.18 -20.51 -4.54
CA SER A 5 7.44 -20.08 -3.96
C SER A 5 8.31 -19.37 -5.00
N SER A 6 7.73 -18.39 -5.68
CA SER A 6 8.44 -17.63 -6.69
C SER A 6 9.22 -16.48 -6.07
N GLY A 7 10.00 -16.80 -5.04
CA GLY A 7 10.80 -15.79 -4.37
C GLY A 7 9.97 -14.61 -3.92
N THR A 8 8.88 -14.89 -3.20
CA THR A 8 8.00 -13.83 -2.70
C THR A 8 8.54 -13.23 -1.41
N GLY A 9 8.72 -14.08 -0.40
CA GLY A 9 9.23 -13.60 0.87
C GLY A 9 8.16 -12.93 1.70
N GLU A 10 8.58 -12.20 2.74
CA GLU A 10 7.66 -11.51 3.62
C GLU A 10 8.24 -10.16 4.07
N LYS A 11 7.35 -9.23 4.40
CA LYS A 11 7.76 -7.91 4.85
C LYS A 11 7.05 -7.52 6.14
N PRO A 12 7.77 -6.81 7.03
CA PRO A 12 7.23 -6.36 8.31
C PRO A 12 6.18 -5.28 8.15
N PHE A 13 6.13 -4.68 6.97
CA PHE A 13 5.16 -3.62 6.68
C PHE A 13 4.26 -4.01 5.53
N LYS A 14 3.04 -3.48 5.54
CA LYS A 14 2.06 -3.77 4.49
C LYS A 14 1.05 -2.64 4.36
N CYS A 15 0.59 -2.41 3.14
CA CYS A 15 -0.39 -1.35 2.87
C CYS A 15 -1.79 -1.92 2.81
N GLY A 16 -2.66 -1.47 3.73
CA GLY A 16 -4.02 -1.95 3.77
C GLY A 16 -4.89 -1.29 2.71
N GLU A 17 -4.47 -0.12 2.25
CA GLU A 17 -5.22 0.62 1.23
C GLU A 17 -5.41 -0.23 -0.02
N CYS A 18 -4.30 -0.69 -0.59
CA CYS A 18 -4.34 -1.51 -1.80
C CYS A 18 -3.90 -2.94 -1.50
N GLY A 19 -2.82 -3.07 -0.73
CA GLY A 19 -2.32 -4.39 -0.39
C GLY A 19 -0.87 -4.59 -0.82
N LYS A 20 -0.11 -3.51 -0.80
CA LYS A 20 1.31 -3.57 -1.20
C LYS A 20 2.20 -3.61 0.04
N SER A 21 3.19 -4.50 0.02
CA SER A 21 4.11 -4.65 1.13
C SER A 21 5.51 -4.18 0.73
N TYR A 22 6.21 -3.55 1.67
CA TYR A 22 7.55 -3.06 1.42
C TYR A 22 8.53 -3.52 2.50
N ASN A 23 9.75 -3.81 2.10
CA ASN A 23 10.78 -4.27 3.04
C ASN A 23 11.00 -3.24 4.14
N GLN A 24 11.00 -1.96 3.76
CA GLN A 24 11.22 -0.88 4.72
C GLN A 24 9.92 -0.11 4.96
N ARG A 25 9.88 0.66 6.04
CA ARG A 25 8.71 1.44 6.38
C ARG A 25 8.66 2.73 5.57
N VAL A 26 9.80 3.40 5.48
CA VAL A 26 9.90 4.66 4.74
C VAL A 26 9.41 4.48 3.30
N HIS A 27 9.40 3.23 2.84
CA HIS A 27 8.95 2.93 1.48
C HIS A 27 7.44 2.75 1.44
N LEU A 28 6.85 2.42 2.58
CA LEU A 28 5.41 2.22 2.68
C LEU A 28 4.69 3.55 2.85
N THR A 29 5.08 4.31 3.87
CA THR A 29 4.47 5.60 4.15
C THR A 29 4.44 6.48 2.91
N GLN A 30 5.52 6.42 2.13
CA GLN A 30 5.62 7.21 0.91
C GLN A 30 4.64 6.71 -0.14
N HIS A 31 4.48 5.40 -0.23
CA HIS A 31 3.57 4.80 -1.19
C HIS A 31 2.12 5.19 -0.89
N GLN A 32 1.74 5.07 0.38
CA GLN A 32 0.38 5.41 0.80
C GLN A 32 -0.07 6.74 0.19
N ARG A 33 0.90 7.59 -0.12
CA ARG A 33 0.62 8.90 -0.70
C ARG A 33 -0.41 8.77 -1.82
N VAL A 34 -0.31 7.69 -2.59
CA VAL A 34 -1.23 7.45 -3.70
C VAL A 34 -2.68 7.43 -3.21
N HIS A 35 -2.88 6.87 -2.02
CA HIS A 35 -4.22 6.78 -1.44
C HIS A 35 -4.52 7.99 -0.56
N THR A 36 -3.46 8.57 0.01
CA THR A 36 -3.60 9.73 0.87
C THR A 36 -3.25 11.02 0.14
N GLY A 37 -4.27 11.81 -0.18
CA GLY A 37 -4.04 13.06 -0.88
C GLY A 37 -4.80 13.13 -2.19
N GLU A 38 -4.44 12.26 -3.14
CA GLU A 38 -5.10 12.23 -4.43
C GLU A 38 -6.33 11.33 -4.40
N LYS A 39 -7.48 11.93 -4.14
CA LYS A 39 -8.74 11.19 -4.08
C LYS A 39 -9.91 12.06 -4.54
N PRO A 40 -10.90 11.42 -5.18
CA PRO A 40 -12.09 12.12 -5.68
C PRO A 40 -12.99 12.60 -4.56
N SER A 41 -12.90 11.95 -3.40
CA SER A 41 -13.71 12.32 -2.25
C SER A 41 -12.84 12.89 -1.14
N GLY A 42 -12.54 14.19 -1.23
CA GLY A 42 -11.73 14.84 -0.24
C GLY A 42 -12.23 16.22 0.12
N PRO A 43 -11.68 16.81 1.19
CA PRO A 43 -12.06 18.14 1.66
C PRO A 43 -11.61 19.24 0.71
N SER A 44 -10.60 18.94 -0.11
CA SER A 44 -10.09 19.92 -1.07
C SER A 44 -11.20 20.77 -1.63
N SER A 45 -12.22 20.12 -2.18
CA SER A 45 -13.37 20.83 -2.76
C SER A 45 -14.00 21.77 -1.74
N GLY A 46 -13.82 23.07 -1.95
CA GLY A 46 -14.38 24.04 -1.04
C GLY A 46 -13.92 25.46 -1.34
N GLY A 1 -1.89 -26.59 -11.44
CA GLY A 1 -1.56 -25.50 -12.36
C GLY A 1 -0.34 -24.72 -11.93
N SER A 2 0.84 -25.27 -12.21
CA SER A 2 2.09 -24.61 -11.85
C SER A 2 1.98 -23.97 -10.46
N SER A 3 1.37 -24.69 -9.53
CA SER A 3 1.20 -24.19 -8.17
C SER A 3 2.27 -24.77 -7.25
N GLY A 4 2.98 -23.88 -6.55
CA GLY A 4 4.01 -24.32 -5.64
C GLY A 4 4.65 -23.17 -4.89
N SER A 5 5.94 -23.30 -4.59
CA SER A 5 6.65 -22.27 -3.85
C SER A 5 7.14 -21.17 -4.81
N SER A 6 6.88 -19.92 -4.44
CA SER A 6 7.29 -18.79 -5.25
C SER A 6 8.51 -18.09 -4.66
N GLY A 7 8.37 -17.59 -3.44
CA GLY A 7 9.46 -16.91 -2.78
C GLY A 7 9.20 -16.71 -1.30
N THR A 8 10.19 -17.03 -0.47
CA THR A 8 10.08 -16.89 0.97
C THR A 8 10.79 -15.62 1.45
N GLY A 9 10.08 -14.50 1.40
CA GLY A 9 10.66 -13.24 1.85
C GLY A 9 9.61 -12.21 2.20
N GLU A 10 8.72 -12.57 3.11
CA GLU A 10 7.66 -11.66 3.55
C GLU A 10 8.22 -10.29 3.91
N LYS A 11 7.33 -9.36 4.24
CA LYS A 11 7.74 -8.01 4.60
C LYS A 11 7.21 -7.64 5.98
N PRO A 12 8.00 -6.85 6.73
CA PRO A 12 7.63 -6.40 8.08
C PRO A 12 6.48 -5.41 8.06
N PHE A 13 6.23 -4.82 6.89
CA PHE A 13 5.15 -3.85 6.74
C PHE A 13 4.17 -4.28 5.65
N LYS A 14 2.99 -3.67 5.65
CA LYS A 14 1.97 -3.99 4.66
C LYS A 14 0.96 -2.85 4.54
N CYS A 15 0.79 -2.35 3.33
CA CYS A 15 -0.15 -1.26 3.07
C CYS A 15 -1.59 -1.73 3.26
N GLY A 16 -2.27 -1.16 4.26
CA GLY A 16 -3.65 -1.53 4.53
C GLY A 16 -4.64 -0.68 3.76
N GLU A 17 -4.28 -0.33 2.53
CA GLU A 17 -5.15 0.49 1.69
C GLU A 17 -5.44 -0.20 0.37
N CYS A 18 -4.42 -0.84 -0.20
CA CYS A 18 -4.57 -1.54 -1.47
C CYS A 18 -4.05 -2.97 -1.36
N GLY A 19 -2.92 -3.13 -0.69
CA GLY A 19 -2.33 -4.45 -0.52
C GLY A 19 -0.90 -4.52 -1.00
N LYS A 20 -0.19 -3.40 -0.91
CA LYS A 20 1.20 -3.33 -1.34
C LYS A 20 2.14 -3.27 -0.14
N SER A 21 2.86 -4.37 0.08
CA SER A 21 3.79 -4.45 1.20
C SER A 21 5.19 -3.98 0.78
N TYR A 22 5.98 -3.54 1.75
CA TYR A 22 7.32 -3.05 1.49
C TYR A 22 8.31 -3.60 2.51
N ASN A 23 9.58 -3.64 2.14
CA ASN A 23 10.63 -4.13 3.03
C ASN A 23 10.99 -3.09 4.08
N GLN A 24 10.95 -1.82 3.69
CA GLN A 24 11.27 -0.72 4.60
C GLN A 24 10.01 0.01 5.03
N ARG A 25 10.10 0.74 6.14
CA ARG A 25 8.97 1.49 6.66
C ARG A 25 8.80 2.81 5.91
N VAL A 26 9.92 3.49 5.65
CA VAL A 26 9.89 4.75 4.94
C VAL A 26 9.50 4.57 3.48
N HIS A 27 9.54 3.32 3.03
CA HIS A 27 9.18 3.00 1.65
C HIS A 27 7.69 2.76 1.52
N LEU A 28 7.03 2.50 2.64
CA LEU A 28 5.60 2.24 2.65
C LEU A 28 4.82 3.56 2.75
N THR A 29 4.99 4.26 3.86
CA THR A 29 4.31 5.53 4.08
C THR A 29 4.26 6.35 2.80
N GLN A 30 5.38 6.39 2.08
CA GLN A 30 5.46 7.15 0.84
C GLN A 30 4.47 6.61 -0.19
N HIS A 31 4.38 5.30 -0.28
CA HIS A 31 3.46 4.65 -1.22
C HIS A 31 2.01 5.01 -0.90
N GLN A 32 1.64 4.86 0.37
CA GLN A 32 0.29 5.16 0.80
C GLN A 32 -0.14 6.55 0.33
N ARG A 33 0.84 7.38 -0.04
CA ARG A 33 0.56 8.73 -0.51
C ARG A 33 -0.37 8.70 -1.72
N VAL A 34 -0.10 7.80 -2.65
CA VAL A 34 -0.92 7.68 -3.86
C VAL A 34 -2.40 7.63 -3.51
N HIS A 35 -2.72 6.96 -2.40
CA HIS A 35 -4.11 6.83 -1.96
C HIS A 35 -4.64 8.18 -1.46
N THR A 36 -3.73 9.02 -0.98
CA THR A 36 -4.11 10.33 -0.46
C THR A 36 -4.28 11.34 -1.59
N GLY A 37 -3.27 11.42 -2.46
CA GLY A 37 -3.34 12.35 -3.58
C GLY A 37 -4.72 12.46 -4.16
N GLU A 38 -5.03 11.60 -5.13
CA GLU A 38 -6.33 11.60 -5.78
C GLU A 38 -7.41 11.10 -4.83
N LYS A 39 -8.37 11.97 -4.53
CA LYS A 39 -9.46 11.62 -3.63
C LYS A 39 -9.86 10.16 -3.80
N PRO A 40 -10.23 9.52 -2.67
CA PRO A 40 -10.62 8.11 -2.67
C PRO A 40 -11.96 7.88 -3.36
N SER A 41 -12.72 8.96 -3.53
CA SER A 41 -14.03 8.88 -4.18
C SER A 41 -14.13 9.87 -5.33
N GLY A 42 -14.92 9.51 -6.34
CA GLY A 42 -15.07 10.37 -7.49
C GLY A 42 -16.53 10.55 -7.88
N PRO A 43 -17.23 11.49 -7.21
CA PRO A 43 -18.64 11.77 -7.47
C PRO A 43 -18.85 12.44 -8.82
N SER A 44 -20.07 12.35 -9.33
CA SER A 44 -20.41 12.94 -10.62
C SER A 44 -20.61 14.45 -10.48
N SER A 45 -21.59 14.83 -9.67
CA SER A 45 -21.90 16.24 -9.46
C SER A 45 -20.62 17.03 -9.14
N GLY A 46 -19.97 16.67 -8.04
CA GLY A 46 -18.75 17.36 -7.65
C GLY A 46 -17.52 16.49 -7.81
N GLY A 1 -6.16 -30.37 -14.50
CA GLY A 1 -5.85 -29.01 -14.88
C GLY A 1 -5.79 -28.08 -13.68
N SER A 2 -5.15 -28.54 -12.60
CA SER A 2 -5.03 -27.74 -11.39
C SER A 2 -3.60 -27.27 -11.20
N SER A 3 -3.41 -25.96 -11.20
CA SER A 3 -2.08 -25.37 -11.03
C SER A 3 -2.05 -24.42 -9.84
N GLY A 4 -0.88 -24.26 -9.24
CA GLY A 4 -0.74 -23.38 -8.09
C GLY A 4 0.59 -22.65 -8.07
N SER A 5 0.72 -21.69 -7.17
CA SER A 5 1.95 -20.92 -7.05
C SER A 5 2.15 -20.42 -5.63
N SER A 6 3.38 -20.53 -5.12
CA SER A 6 3.71 -20.09 -3.77
C SER A 6 4.31 -18.70 -3.78
N GLY A 7 4.42 -18.10 -2.60
CA GLY A 7 5.00 -16.78 -2.49
C GLY A 7 6.04 -16.68 -1.40
N THR A 8 7.31 -16.85 -1.78
CA THR A 8 8.40 -16.79 -0.82
C THR A 8 8.87 -15.35 -0.62
N GLY A 9 8.37 -14.71 0.44
CA GLY A 9 8.76 -13.34 0.73
C GLY A 9 7.79 -12.66 1.67
N GLU A 10 8.17 -12.54 2.93
CA GLU A 10 7.33 -11.91 3.94
C GLU A 10 7.91 -10.56 4.36
N LYS A 11 7.10 -9.52 4.26
CA LYS A 11 7.53 -8.17 4.64
C LYS A 11 6.95 -7.77 5.99
N PRO A 12 7.75 -7.03 6.77
CA PRO A 12 7.34 -6.57 8.11
C PRO A 12 6.24 -5.51 8.04
N PHE A 13 6.12 -4.86 6.88
CA PHE A 13 5.11 -3.82 6.69
C PHE A 13 4.19 -4.17 5.52
N LYS A 14 2.96 -3.68 5.58
CA LYS A 14 1.99 -3.93 4.52
C LYS A 14 0.93 -2.83 4.49
N CYS A 15 0.51 -2.46 3.28
CA CYS A 15 -0.50 -1.42 3.11
C CYS A 15 -1.91 -2.00 3.28
N GLY A 16 -2.67 -1.42 4.21
CA GLY A 16 -4.02 -1.89 4.45
C GLY A 16 -5.05 -1.13 3.64
N GLU A 17 -4.66 -0.69 2.45
CA GLU A 17 -5.55 0.05 1.58
C GLU A 17 -5.66 -0.60 0.20
N CYS A 18 -4.51 -0.99 -0.34
CA CYS A 18 -4.46 -1.64 -1.65
C CYS A 18 -3.95 -3.07 -1.54
N GLY A 19 -2.88 -3.25 -0.76
CA GLY A 19 -2.33 -4.58 -0.58
C GLY A 19 -0.87 -4.66 -1.01
N LYS A 20 -0.16 -3.54 -0.86
CA LYS A 20 1.25 -3.49 -1.23
C LYS A 20 2.14 -3.62 0.00
N SER A 21 3.09 -4.55 -0.06
CA SER A 21 4.01 -4.77 1.05
C SER A 21 5.41 -4.30 0.70
N TYR A 22 6.06 -3.64 1.66
CA TYR A 22 7.41 -3.13 1.46
C TYR A 22 8.37 -3.68 2.51
N ASN A 23 9.67 -3.52 2.25
CA ASN A 23 10.69 -4.00 3.18
C ASN A 23 11.05 -2.92 4.20
N GLN A 24 10.97 -1.67 3.78
CA GLN A 24 11.29 -0.55 4.65
C GLN A 24 10.04 0.25 5.00
N ARG A 25 10.11 1.01 6.09
CA ARG A 25 8.98 1.82 6.52
C ARG A 25 8.81 3.04 5.62
N VAL A 26 9.89 3.75 5.38
CA VAL A 26 9.86 4.94 4.53
C VAL A 26 9.29 4.62 3.15
N HIS A 27 9.42 3.36 2.75
CA HIS A 27 8.92 2.91 1.46
C HIS A 27 7.41 2.78 1.48
N LEU A 28 6.86 2.40 2.63
CA LEU A 28 5.42 2.22 2.79
C LEU A 28 4.73 3.58 2.92
N THR A 29 5.16 4.37 3.89
CA THR A 29 4.58 5.68 4.13
C THR A 29 4.59 6.52 2.85
N GLN A 30 5.68 6.44 2.10
CA GLN A 30 5.82 7.19 0.86
C GLN A 30 4.89 6.63 -0.22
N HIS A 31 4.43 5.40 -0.02
CA HIS A 31 3.53 4.76 -0.98
C HIS A 31 2.08 5.10 -0.66
N GLN A 32 1.77 5.27 0.62
CA GLN A 32 0.42 5.59 1.04
C GLN A 32 -0.04 6.90 0.42
N ARG A 33 0.91 7.72 -0.02
CA ARG A 33 0.60 9.00 -0.64
C ARG A 33 -0.22 8.80 -1.92
N VAL A 34 -0.18 7.58 -2.46
CA VAL A 34 -0.91 7.27 -3.68
C VAL A 34 -2.40 7.12 -3.40
N HIS A 35 -2.75 6.98 -2.12
CA HIS A 35 -4.14 6.83 -1.72
C HIS A 35 -4.72 8.16 -1.24
N THR A 36 -3.86 9.00 -0.69
CA THR A 36 -4.28 10.30 -0.19
C THR A 36 -4.04 11.40 -1.23
N GLY A 37 -4.97 12.35 -1.31
CA GLY A 37 -4.84 13.44 -2.25
C GLY A 37 -6.00 14.40 -2.19
N GLU A 38 -7.15 13.97 -2.71
CA GLU A 38 -8.35 14.81 -2.71
C GLU A 38 -8.73 15.23 -1.30
N LYS A 39 -9.59 16.23 -1.20
CA LYS A 39 -10.04 16.72 0.10
C LYS A 39 -10.52 15.58 0.98
N PRO A 40 -10.46 15.79 2.30
CA PRO A 40 -10.89 14.78 3.28
C PRO A 40 -12.40 14.59 3.28
N SER A 41 -12.84 13.38 3.61
CA SER A 41 -14.26 13.06 3.65
C SER A 41 -14.50 11.68 4.23
N GLY A 42 -15.64 11.50 4.90
CA GLY A 42 -15.96 10.22 5.50
C GLY A 42 -17.08 10.31 6.51
N PRO A 43 -16.73 10.64 7.76
CA PRO A 43 -17.71 10.78 8.84
C PRO A 43 -18.61 11.99 8.67
N SER A 44 -18.16 12.94 7.86
CA SER A 44 -18.92 14.16 7.61
C SER A 44 -19.78 14.02 6.35
N SER A 45 -20.62 15.01 6.12
CA SER A 45 -21.51 15.00 4.95
C SER A 45 -20.70 15.13 3.66
N GLY A 46 -19.86 16.16 3.59
CA GLY A 46 -19.05 16.37 2.41
C GLY A 46 -19.37 17.68 1.71
N GLY A 1 -10.51 -17.83 -12.95
CA GLY A 1 -9.35 -16.99 -13.13
C GLY A 1 -8.07 -17.78 -13.25
N SER A 2 -6.98 -17.11 -13.62
CA SER A 2 -5.69 -17.76 -13.77
C SER A 2 -4.65 -17.12 -12.85
N SER A 3 -4.53 -17.67 -11.64
CA SER A 3 -3.57 -17.16 -10.67
C SER A 3 -2.77 -18.29 -10.04
N GLY A 4 -1.46 -18.24 -10.20
CA GLY A 4 -0.60 -19.27 -9.64
C GLY A 4 0.61 -18.70 -8.92
N SER A 5 0.36 -17.97 -7.83
CA SER A 5 1.43 -17.36 -7.06
C SER A 5 1.02 -17.18 -5.61
N SER A 6 1.73 -17.85 -4.71
CA SER A 6 1.43 -17.76 -3.28
C SER A 6 2.66 -18.09 -2.44
N GLY A 7 2.67 -17.63 -1.20
CA GLY A 7 3.80 -17.88 -0.32
C GLY A 7 4.92 -16.89 -0.52
N THR A 8 4.64 -15.62 -0.27
CA THR A 8 5.63 -14.57 -0.43
C THR A 8 5.12 -13.24 0.13
N GLY A 9 6.00 -12.51 0.82
CA GLY A 9 5.61 -11.24 1.38
C GLY A 9 5.75 -11.21 2.90
N GLU A 10 6.89 -11.68 3.40
CA GLU A 10 7.12 -11.72 4.84
C GLU A 10 7.71 -10.40 5.32
N LYS A 11 7.11 -9.30 4.88
CA LYS A 11 7.56 -7.97 5.27
C LYS A 11 6.76 -7.43 6.45
N PRO A 12 7.44 -6.70 7.35
CA PRO A 12 6.82 -6.13 8.54
C PRO A 12 5.85 -4.99 8.19
N PHE A 13 6.03 -4.40 7.01
CA PHE A 13 5.19 -3.31 6.57
C PHE A 13 4.29 -3.75 5.41
N LYS A 14 3.04 -3.31 5.43
CA LYS A 14 2.09 -3.66 4.38
C LYS A 14 1.03 -2.57 4.23
N CYS A 15 0.63 -2.30 2.99
CA CYS A 15 -0.37 -1.29 2.70
C CYS A 15 -1.75 -1.92 2.55
N GLY A 16 -2.64 -1.60 3.49
CA GLY A 16 -3.99 -2.14 3.45
C GLY A 16 -4.85 -1.47 2.39
N GLU A 17 -4.53 -0.21 2.08
CA GLU A 17 -5.28 0.54 1.09
C GLU A 17 -5.45 -0.26 -0.19
N CYS A 18 -4.33 -0.79 -0.70
CA CYS A 18 -4.35 -1.59 -1.93
C CYS A 18 -3.84 -3.00 -1.66
N GLY A 19 -2.76 -3.10 -0.90
CA GLY A 19 -2.18 -4.40 -0.59
C GLY A 19 -0.76 -4.53 -1.06
N LYS A 20 0.03 -3.47 -0.85
CA LYS A 20 1.44 -3.48 -1.26
C LYS A 20 2.36 -3.50 -0.05
N SER A 21 3.30 -4.44 -0.04
CA SER A 21 4.24 -4.58 1.06
C SER A 21 5.62 -4.05 0.66
N TYR A 22 6.38 -3.61 1.65
CA TYR A 22 7.72 -3.08 1.40
C TYR A 22 8.66 -3.41 2.56
N ASN A 23 9.81 -3.98 2.23
CA ASN A 23 10.81 -4.36 3.24
C ASN A 23 11.10 -3.18 4.16
N GLN A 24 11.18 -1.99 3.59
CA GLN A 24 11.46 -0.77 4.36
C GLN A 24 10.17 -0.05 4.71
N ARG A 25 10.20 0.72 5.79
CA ARG A 25 9.04 1.47 6.24
C ARG A 25 8.82 2.71 5.37
N VAL A 26 9.90 3.46 5.14
CA VAL A 26 9.84 4.67 4.34
C VAL A 26 9.28 4.37 2.95
N HIS A 27 9.29 3.11 2.57
CA HIS A 27 8.78 2.69 1.27
C HIS A 27 7.26 2.52 1.31
N LEU A 28 6.73 2.28 2.51
CA LEU A 28 5.29 2.09 2.67
C LEU A 28 4.60 3.43 2.93
N THR A 29 5.02 4.12 3.99
CA THR A 29 4.44 5.41 4.34
C THR A 29 4.43 6.35 3.13
N GLN A 30 5.46 6.27 2.31
CA GLN A 30 5.56 7.11 1.13
C GLN A 30 4.57 6.66 0.06
N HIS A 31 4.45 5.34 -0.12
CA HIS A 31 3.54 4.78 -1.11
C HIS A 31 2.09 5.13 -0.77
N GLN A 32 1.73 4.98 0.50
CA GLN A 32 0.38 5.27 0.96
C GLN A 32 -0.11 6.61 0.40
N ARG A 33 0.83 7.52 0.17
CA ARG A 33 0.50 8.84 -0.36
C ARG A 33 -0.47 8.72 -1.54
N VAL A 34 -0.28 7.69 -2.36
CA VAL A 34 -1.14 7.46 -3.51
C VAL A 34 -2.61 7.47 -3.11
N HIS A 35 -2.90 6.91 -1.95
CA HIS A 35 -4.28 6.85 -1.45
C HIS A 35 -4.59 8.06 -0.57
N THR A 36 -3.85 9.14 -0.76
CA THR A 36 -4.04 10.35 0.03
C THR A 36 -5.47 10.88 -0.12
N GLY A 37 -6.06 10.65 -1.29
CA GLY A 37 -7.42 11.10 -1.52
C GLY A 37 -7.63 12.54 -1.08
N GLU A 38 -6.76 13.43 -1.55
CA GLU A 38 -6.86 14.85 -1.21
C GLU A 38 -8.30 15.34 -1.31
N LYS A 39 -8.55 16.53 -0.78
CA LYS A 39 -9.89 17.10 -0.81
C LYS A 39 -10.19 17.70 -2.18
N PRO A 40 -11.45 17.59 -2.62
CA PRO A 40 -11.89 18.11 -3.91
C PRO A 40 -11.92 19.64 -3.95
N SER A 41 -10.99 20.22 -4.70
CA SER A 41 -10.90 21.68 -4.81
C SER A 41 -12.29 22.30 -4.92
N GLY A 42 -13.22 21.54 -5.50
CA GLY A 42 -14.57 22.04 -5.65
C GLY A 42 -14.78 22.79 -6.95
N PRO A 43 -14.64 22.07 -8.08
CA PRO A 43 -14.80 22.67 -9.41
C PRO A 43 -16.25 23.05 -9.71
N SER A 44 -16.46 23.76 -10.80
CA SER A 44 -17.79 24.20 -11.19
C SER A 44 -18.56 24.73 -10.00
N SER A 45 -17.90 25.53 -9.18
CA SER A 45 -18.52 26.10 -7.99
C SER A 45 -18.20 27.59 -7.87
N GLY A 46 -18.86 28.27 -6.93
CA GLY A 46 -18.63 29.68 -6.72
C GLY A 46 -17.81 29.97 -5.49
N GLY A 1 0.67 -34.53 -2.75
CA GLY A 1 1.76 -33.85 -3.42
C GLY A 1 1.65 -32.34 -3.32
N SER A 2 2.79 -31.65 -3.31
CA SER A 2 2.81 -30.20 -3.21
C SER A 2 3.88 -29.61 -4.13
N SER A 3 3.87 -28.29 -4.27
CA SER A 3 4.83 -27.60 -5.11
C SER A 3 5.04 -26.17 -4.63
N GLY A 4 6.30 -25.81 -4.37
CA GLY A 4 6.61 -24.47 -3.91
C GLY A 4 8.10 -24.28 -3.68
N SER A 5 8.56 -24.63 -2.48
CA SER A 5 9.96 -24.48 -2.13
C SER A 5 10.49 -23.12 -2.57
N SER A 6 9.70 -22.09 -2.36
CA SER A 6 10.08 -20.74 -2.74
C SER A 6 10.45 -19.91 -1.51
N GLY A 7 11.18 -20.53 -0.59
CA GLY A 7 11.59 -19.84 0.62
C GLY A 7 10.42 -19.57 1.55
N THR A 8 10.67 -18.79 2.60
CA THR A 8 9.63 -18.45 3.56
C THR A 8 9.95 -17.14 4.28
N GLY A 9 9.17 -16.11 3.97
CA GLY A 9 9.39 -14.81 4.59
C GLY A 9 8.32 -13.80 4.21
N GLU A 10 8.18 -12.76 5.02
CA GLU A 10 7.19 -11.72 4.75
C GLU A 10 7.66 -10.37 5.29
N LYS A 11 7.36 -9.31 4.55
CA LYS A 11 7.74 -7.96 4.95
C LYS A 11 7.07 -7.56 6.27
N PRO A 12 7.80 -6.79 7.09
CA PRO A 12 7.30 -6.34 8.39
C PRO A 12 6.19 -5.30 8.24
N PHE A 13 6.11 -4.68 7.06
CA PHE A 13 5.10 -3.66 6.79
C PHE A 13 4.19 -4.10 5.64
N LYS A 14 3.00 -3.52 5.60
CA LYS A 14 2.04 -3.83 4.55
C LYS A 14 1.05 -2.69 4.34
N CYS A 15 0.69 -2.43 3.09
CA CYS A 15 -0.25 -1.36 2.78
C CYS A 15 -1.69 -1.81 3.04
N GLY A 16 -2.32 -1.17 4.03
CA GLY A 16 -3.69 -1.52 4.37
C GLY A 16 -4.70 -0.75 3.54
N GLU A 17 -4.39 -0.57 2.26
CA GLU A 17 -5.29 0.15 1.35
C GLU A 17 -5.50 -0.64 0.06
N CYS A 18 -4.40 -1.08 -0.54
CA CYS A 18 -4.46 -1.84 -1.79
C CYS A 18 -3.86 -3.23 -1.60
N GLY A 19 -2.75 -3.30 -0.88
CA GLY A 19 -2.10 -4.58 -0.64
C GLY A 19 -0.63 -4.56 -1.02
N LYS A 20 -0.08 -3.36 -1.19
CA LYS A 20 1.32 -3.21 -1.56
C LYS A 20 2.21 -3.25 -0.32
N SER A 21 2.93 -4.35 -0.14
CA SER A 21 3.82 -4.51 1.00
C SER A 21 5.23 -4.02 0.67
N TYR A 22 5.98 -3.67 1.70
CA TYR A 22 7.34 -3.18 1.52
C TYR A 22 8.25 -3.66 2.66
N ASN A 23 9.51 -3.92 2.32
CA ASN A 23 10.47 -4.38 3.32
C ASN A 23 10.82 -3.27 4.30
N GLN A 24 10.80 -2.03 3.82
CA GLN A 24 11.11 -0.88 4.66
C GLN A 24 9.85 -0.07 4.96
N ARG A 25 9.89 0.68 6.06
CA ARG A 25 8.74 1.49 6.46
C ARG A 25 8.75 2.83 5.74
N VAL A 26 9.94 3.40 5.56
CA VAL A 26 10.08 4.68 4.88
C VAL A 26 9.70 4.56 3.41
N HIS A 27 9.56 3.34 2.94
CA HIS A 27 9.19 3.09 1.55
C HIS A 27 7.68 2.92 1.40
N LEU A 28 7.04 2.51 2.49
CA LEU A 28 5.59 2.31 2.49
C LEU A 28 4.85 3.63 2.61
N THR A 29 5.19 4.40 3.65
CA THR A 29 4.56 5.69 3.89
C THR A 29 4.57 6.54 2.63
N GLN A 30 5.65 6.44 1.85
CA GLN A 30 5.77 7.22 0.62
C GLN A 30 4.77 6.71 -0.43
N HIS A 31 4.49 5.41 -0.40
CA HIS A 31 3.55 4.81 -1.34
C HIS A 31 2.12 5.18 -0.99
N GLN A 32 1.78 5.07 0.29
CA GLN A 32 0.43 5.39 0.75
C GLN A 32 -0.02 6.75 0.22
N ARG A 33 0.94 7.62 -0.05
CA ARG A 33 0.64 8.96 -0.56
C ARG A 33 -0.38 8.89 -1.69
N VAL A 34 -0.47 7.73 -2.34
CA VAL A 34 -1.42 7.54 -3.43
C VAL A 34 -2.85 7.45 -2.90
N HIS A 35 -3.02 6.76 -1.78
CA HIS A 35 -4.34 6.60 -1.18
C HIS A 35 -4.67 7.80 -0.29
N THR A 36 -3.64 8.36 0.35
CA THR A 36 -3.83 9.49 1.24
C THR A 36 -4.72 10.55 0.60
N GLY A 37 -5.34 11.37 1.43
CA GLY A 37 -6.22 12.42 0.93
C GLY A 37 -7.65 11.96 0.81
N GLU A 38 -8.30 11.72 1.95
CA GLU A 38 -9.69 11.27 1.96
C GLU A 38 -10.57 12.21 1.15
N LYS A 39 -11.53 11.63 0.42
CA LYS A 39 -12.44 12.41 -0.40
C LYS A 39 -13.32 13.31 0.47
N PRO A 40 -13.62 14.52 -0.05
CA PRO A 40 -14.46 15.49 0.66
C PRO A 40 -15.91 15.05 0.73
N SER A 41 -16.41 14.43 -0.33
CA SER A 41 -17.78 13.96 -0.38
C SER A 41 -18.00 13.05 -1.58
N GLY A 42 -19.07 12.25 -1.51
CA GLY A 42 -19.37 11.33 -2.61
C GLY A 42 -19.42 9.90 -2.15
N PRO A 43 -20.42 9.55 -1.34
CA PRO A 43 -20.59 8.19 -0.82
C PRO A 43 -21.00 7.20 -1.91
N SER A 44 -21.85 7.65 -2.83
CA SER A 44 -22.32 6.81 -3.91
C SER A 44 -22.07 7.47 -5.27
N SER A 45 -20.86 7.30 -5.78
CA SER A 45 -20.48 7.88 -7.07
C SER A 45 -21.24 7.22 -8.21
N GLY A 46 -22.20 7.94 -8.77
CA GLY A 46 -22.99 7.41 -9.86
C GLY A 46 -22.14 6.82 -10.97
N GLY A 1 -5.10 -23.79 -0.65
CA GLY A 1 -3.82 -23.66 -1.32
C GLY A 1 -3.83 -24.31 -2.70
N SER A 2 -2.91 -23.89 -3.55
CA SER A 2 -2.82 -24.42 -4.90
C SER A 2 -1.80 -25.56 -4.97
N SER A 3 -1.82 -26.43 -3.96
CA SER A 3 -0.91 -27.55 -3.89
C SER A 3 0.54 -27.09 -4.04
N GLY A 4 0.87 -25.98 -3.38
CA GLY A 4 2.22 -25.44 -3.46
C GLY A 4 2.47 -24.38 -2.42
N SER A 5 3.44 -24.63 -1.54
CA SER A 5 3.78 -23.69 -0.48
C SER A 5 4.98 -22.83 -0.89
N SER A 6 4.75 -21.52 -1.01
CA SER A 6 5.81 -20.60 -1.39
C SER A 6 5.74 -19.32 -0.55
N GLY A 7 6.85 -18.99 0.11
CA GLY A 7 6.89 -17.80 0.94
C GLY A 7 8.26 -17.55 1.51
N THR A 8 9.17 -17.05 0.68
CA THR A 8 10.53 -16.76 1.13
C THR A 8 10.54 -16.07 2.49
N GLY A 9 9.77 -14.99 2.60
CA GLY A 9 9.71 -14.26 3.85
C GLY A 9 8.73 -13.10 3.79
N GLU A 10 7.96 -12.92 4.86
CA GLU A 10 6.98 -11.84 4.93
C GLU A 10 7.67 -10.50 5.24
N LYS A 11 6.95 -9.41 5.00
CA LYS A 11 7.48 -8.08 5.25
C LYS A 11 6.89 -7.49 6.53
N PRO A 12 7.71 -6.73 7.28
CA PRO A 12 7.28 -6.10 8.52
C PRO A 12 6.28 -4.97 8.29
N PHE A 13 6.07 -4.62 7.03
CA PHE A 13 5.14 -3.55 6.68
C PHE A 13 4.28 -3.96 5.48
N LYS A 14 3.00 -3.60 5.55
CA LYS A 14 2.06 -3.93 4.47
C LYS A 14 0.95 -2.89 4.38
N CYS A 15 0.73 -2.37 3.19
CA CYS A 15 -0.31 -1.36 2.97
C CYS A 15 -1.70 -1.99 3.07
N GLY A 16 -2.38 -1.72 4.17
CA GLY A 16 -3.71 -2.27 4.37
C GLY A 16 -4.78 -1.48 3.65
N GLU A 17 -4.48 -1.09 2.41
CA GLU A 17 -5.42 -0.32 1.61
C GLU A 17 -5.59 -0.94 0.22
N CYS A 18 -4.47 -1.28 -0.41
CA CYS A 18 -4.50 -1.88 -1.74
C CYS A 18 -3.86 -3.26 -1.72
N GLY A 19 -2.76 -3.40 -0.99
CA GLY A 19 -2.08 -4.67 -0.90
C GLY A 19 -0.65 -4.60 -1.38
N LYS A 20 0.01 -3.48 -1.10
CA LYS A 20 1.40 -3.28 -1.51
C LYS A 20 2.31 -3.17 -0.29
N SER A 21 3.13 -4.19 -0.09
CA SER A 21 4.06 -4.21 1.04
C SER A 21 5.42 -3.66 0.64
N TYR A 22 6.28 -3.42 1.63
CA TYR A 22 7.61 -2.89 1.38
C TYR A 22 8.58 -3.31 2.48
N ASN A 23 9.67 -3.95 2.08
CA ASN A 23 10.68 -4.40 3.04
C ASN A 23 10.97 -3.32 4.07
N GLN A 24 10.99 -2.07 3.63
CA GLN A 24 11.27 -0.94 4.52
C GLN A 24 9.98 -0.20 4.85
N ARG A 25 10.03 0.64 5.89
CA ARG A 25 8.87 1.41 6.31
C ARG A 25 8.73 2.67 5.46
N VAL A 26 9.84 3.38 5.25
CA VAL A 26 9.84 4.60 4.47
C VAL A 26 9.18 4.37 3.10
N HIS A 27 9.32 3.16 2.59
CA HIS A 27 8.73 2.82 1.29
C HIS A 27 7.22 2.65 1.40
N LEU A 28 6.75 2.34 2.61
CA LEU A 28 5.33 2.15 2.85
C LEU A 28 4.62 3.49 3.01
N THR A 29 5.07 4.29 3.97
CA THR A 29 4.49 5.59 4.22
C THR A 29 4.50 6.45 2.96
N GLN A 30 5.60 6.39 2.22
CA GLN A 30 5.74 7.17 1.00
C GLN A 30 4.78 6.66 -0.08
N HIS A 31 4.48 5.37 -0.03
CA HIS A 31 3.57 4.76 -1.00
C HIS A 31 2.14 5.17 -0.72
N GLN A 32 1.81 5.36 0.55
CA GLN A 32 0.46 5.74 0.96
C GLN A 32 0.06 7.07 0.30
N ARG A 33 1.05 7.79 -0.21
CA ARG A 33 0.81 9.07 -0.86
C ARG A 33 -0.17 8.92 -2.02
N VAL A 34 -0.40 7.68 -2.43
CA VAL A 34 -1.31 7.40 -3.54
C VAL A 34 -2.76 7.34 -3.05
N HIS A 35 -2.95 6.80 -1.86
CA HIS A 35 -4.28 6.69 -1.28
C HIS A 35 -4.64 7.95 -0.49
N THR A 36 -3.63 8.60 0.07
CA THR A 36 -3.83 9.81 0.85
C THR A 36 -4.57 10.87 0.03
N GLY A 37 -4.23 10.96 -1.25
CA GLY A 37 -4.87 11.93 -2.12
C GLY A 37 -4.85 13.33 -1.53
N GLU A 38 -5.53 14.26 -2.19
CA GLU A 38 -5.59 15.64 -1.73
C GLU A 38 -6.76 16.38 -2.36
N LYS A 39 -7.42 17.22 -1.58
CA LYS A 39 -8.56 17.99 -2.06
C LYS A 39 -8.63 19.35 -1.38
N PRO A 40 -9.01 20.38 -2.15
CA PRO A 40 -9.13 21.75 -1.64
C PRO A 40 -10.29 21.91 -0.67
N SER A 41 -10.23 22.95 0.14
CA SER A 41 -11.28 23.22 1.13
C SER A 41 -12.59 23.59 0.43
N GLY A 42 -13.39 22.58 0.13
CA GLY A 42 -14.66 22.81 -0.54
C GLY A 42 -14.88 21.89 -1.72
N PRO A 43 -16.14 21.81 -2.19
CA PRO A 43 -16.50 20.97 -3.33
C PRO A 43 -15.92 21.48 -4.64
N SER A 44 -16.19 20.75 -5.73
CA SER A 44 -15.70 21.14 -7.04
C SER A 44 -16.76 21.90 -7.83
N SER A 45 -16.47 23.16 -8.13
CA SER A 45 -17.39 24.01 -8.88
C SER A 45 -16.71 24.66 -10.07
N GLY A 46 -15.56 25.29 -9.81
CA GLY A 46 -14.82 25.94 -10.88
C GLY A 46 -14.78 25.11 -12.14
N GLY A 1 0.16 -32.43 -8.66
CA GLY A 1 0.37 -31.00 -8.81
C GLY A 1 -0.13 -30.23 -7.60
N SER A 2 0.74 -30.07 -6.61
CA SER A 2 0.38 -29.34 -5.40
C SER A 2 1.44 -28.29 -5.06
N SER A 3 0.98 -27.06 -4.83
CA SER A 3 1.88 -25.96 -4.51
C SER A 3 1.32 -25.12 -3.36
N GLY A 4 2.16 -24.26 -2.81
CA GLY A 4 1.74 -23.40 -1.72
C GLY A 4 2.85 -22.49 -1.22
N SER A 5 2.64 -21.89 -0.05
CA SER A 5 3.63 -20.99 0.53
C SER A 5 3.24 -20.61 1.96
N SER A 6 4.18 -20.79 2.89
CA SER A 6 3.93 -20.46 4.28
C SER A 6 4.04 -18.96 4.52
N GLY A 7 3.36 -18.48 5.57
CA GLY A 7 3.38 -17.07 5.88
C GLY A 7 4.54 -16.70 6.78
N THR A 8 5.74 -17.14 6.42
CA THR A 8 6.93 -16.85 7.20
C THR A 8 7.86 -15.90 6.46
N GLY A 9 7.65 -15.77 5.16
CA GLY A 9 8.49 -14.88 4.35
C GLY A 9 7.72 -13.68 3.85
N GLU A 10 7.30 -12.81 4.77
CA GLU A 10 6.57 -11.61 4.42
C GLU A 10 7.25 -10.37 4.96
N LYS A 11 7.07 -9.24 4.26
CA LYS A 11 7.66 -7.98 4.68
C LYS A 11 7.15 -7.57 6.06
N PRO A 12 7.97 -6.79 6.78
CA PRO A 12 7.61 -6.30 8.12
C PRO A 12 6.50 -5.26 8.08
N PHE A 13 6.29 -4.67 6.91
CA PHE A 13 5.25 -3.66 6.74
C PHE A 13 4.30 -4.03 5.61
N LYS A 14 3.09 -3.47 5.64
CA LYS A 14 2.10 -3.74 4.62
C LYS A 14 1.10 -2.60 4.51
N CYS A 15 0.72 -2.25 3.29
CA CYS A 15 -0.23 -1.17 3.06
C CYS A 15 -1.67 -1.68 3.19
N GLY A 16 -2.33 -1.27 4.27
CA GLY A 16 -3.71 -1.69 4.50
C GLY A 16 -4.70 -0.83 3.75
N GLU A 17 -4.42 -0.54 2.49
CA GLU A 17 -5.31 0.28 1.68
C GLU A 17 -5.54 -0.35 0.30
N CYS A 18 -4.46 -0.85 -0.29
CA CYS A 18 -4.56 -1.48 -1.61
C CYS A 18 -4.04 -2.92 -1.55
N GLY A 19 -2.93 -3.11 -0.85
CA GLY A 19 -2.35 -4.44 -0.74
C GLY A 19 -0.92 -4.50 -1.24
N LYS A 20 -0.10 -3.56 -0.78
CA LYS A 20 1.30 -3.52 -1.19
C LYS A 20 2.22 -3.48 0.03
N SER A 21 3.14 -4.43 0.10
CA SER A 21 4.08 -4.52 1.20
C SER A 21 5.47 -4.04 0.79
N TYR A 22 6.22 -3.53 1.76
CA TYR A 22 7.57 -3.02 1.49
C TYR A 22 8.55 -3.50 2.55
N ASN A 23 9.80 -3.72 2.13
CA ASN A 23 10.84 -4.19 3.04
C ASN A 23 11.00 -3.23 4.22
N GLN A 24 10.92 -1.93 3.93
CA GLN A 24 11.06 -0.91 4.96
C GLN A 24 9.76 -0.15 5.15
N ARG A 25 9.72 0.71 6.17
CA ARG A 25 8.53 1.50 6.45
C ARG A 25 8.52 2.78 5.64
N VAL A 26 9.67 3.43 5.53
CA VAL A 26 9.80 4.67 4.77
C VAL A 26 9.34 4.48 3.33
N HIS A 27 9.40 3.24 2.85
CA HIS A 27 8.98 2.93 1.49
C HIS A 27 7.47 2.75 1.41
N LEU A 28 6.88 2.27 2.50
CA LEU A 28 5.44 2.05 2.56
C LEU A 28 4.69 3.37 2.70
N THR A 29 5.06 4.15 3.72
CA THR A 29 4.42 5.44 3.96
C THR A 29 4.39 6.28 2.70
N GLN A 30 5.52 6.34 2.00
CA GLN A 30 5.62 7.12 0.78
C GLN A 30 4.61 6.64 -0.26
N HIS A 31 4.44 5.33 -0.35
CA HIS A 31 3.49 4.75 -1.30
C HIS A 31 2.06 5.12 -0.93
N GLN A 32 1.74 5.01 0.36
CA GLN A 32 0.40 5.33 0.84
C GLN A 32 -0.07 6.68 0.31
N ARG A 33 0.89 7.58 0.09
CA ARG A 33 0.58 8.91 -0.42
C ARG A 33 -0.37 8.84 -1.61
N VAL A 34 -0.17 7.82 -2.44
CA VAL A 34 -1.02 7.63 -3.62
C VAL A 34 -2.49 7.55 -3.24
N HIS A 35 -2.77 6.85 -2.16
CA HIS A 35 -4.15 6.69 -1.68
C HIS A 35 -4.64 7.98 -1.03
N THR A 36 -3.72 8.79 -0.53
CA THR A 36 -4.06 10.04 0.12
C THR A 36 -3.72 11.24 -0.78
N GLY A 37 -4.67 11.62 -1.63
CA GLY A 37 -4.45 12.74 -2.52
C GLY A 37 -4.38 12.32 -3.98
N GLU A 38 -5.17 11.31 -4.34
CA GLU A 38 -5.19 10.80 -5.70
C GLU A 38 -5.95 11.76 -6.62
N LYS A 39 -5.57 11.77 -7.90
CA LYS A 39 -6.22 12.63 -8.88
C LYS A 39 -7.69 12.24 -9.06
N PRO A 40 -8.55 13.26 -9.20
CA PRO A 40 -9.99 13.06 -9.38
C PRO A 40 -10.33 12.45 -10.74
N SER A 41 -10.92 11.25 -10.72
CA SER A 41 -11.29 10.57 -11.95
C SER A 41 -12.79 10.33 -12.01
N GLY A 42 -13.53 11.37 -12.39
CA GLY A 42 -14.98 11.26 -12.48
C GLY A 42 -15.69 12.36 -11.72
N PRO A 43 -16.96 12.60 -12.09
CA PRO A 43 -17.78 13.64 -11.45
C PRO A 43 -18.15 13.29 -10.01
N SER A 44 -17.44 13.87 -9.06
CA SER A 44 -17.69 13.61 -7.64
C SER A 44 -18.79 14.53 -7.12
N SER A 45 -19.23 14.26 -5.89
CA SER A 45 -20.28 15.06 -5.26
C SER A 45 -19.79 15.66 -3.95
N GLY A 46 -19.84 16.99 -3.85
CA GLY A 46 -19.41 17.66 -2.65
C GLY A 46 -18.13 18.45 -2.85
N GLY A 1 -9.14 -25.95 -4.40
CA GLY A 1 -8.61 -26.32 -3.10
C GLY A 1 -7.86 -25.17 -2.43
N SER A 2 -6.64 -24.93 -2.89
CA SER A 2 -5.82 -23.86 -2.33
C SER A 2 -5.71 -22.69 -3.30
N SER A 3 -6.51 -21.65 -3.05
CA SER A 3 -6.50 -20.47 -3.91
C SER A 3 -5.66 -19.36 -3.29
N GLY A 4 -4.39 -19.30 -3.67
CA GLY A 4 -3.50 -18.28 -3.14
C GLY A 4 -2.03 -18.65 -3.31
N SER A 5 -1.68 -19.88 -2.95
CA SER A 5 -0.30 -20.35 -3.05
C SER A 5 0.68 -19.21 -2.75
N SER A 6 0.37 -18.44 -1.72
CA SER A 6 1.22 -17.32 -1.33
C SER A 6 2.70 -17.72 -1.39
N GLY A 7 3.53 -16.80 -1.88
CA GLY A 7 4.95 -17.07 -2.00
C GLY A 7 5.72 -16.61 -0.78
N THR A 8 6.97 -17.06 -0.68
CA THR A 8 7.83 -16.69 0.46
C THR A 8 8.20 -15.22 0.41
N GLY A 9 8.36 -14.61 1.59
CA GLY A 9 8.71 -13.21 1.66
C GLY A 9 7.69 -12.39 2.42
N GLU A 10 7.71 -12.49 3.74
CA GLU A 10 6.77 -11.75 4.58
C GLU A 10 7.45 -10.52 5.18
N LYS A 11 7.05 -9.35 4.71
CA LYS A 11 7.61 -8.09 5.20
C LYS A 11 6.84 -7.60 6.43
N PRO A 12 7.55 -6.89 7.31
CA PRO A 12 6.96 -6.34 8.55
C PRO A 12 5.97 -5.21 8.26
N PHE A 13 6.09 -4.60 7.09
CA PHE A 13 5.22 -3.50 6.71
C PHE A 13 4.33 -3.91 5.53
N LYS A 14 3.09 -3.43 5.55
CA LYS A 14 2.14 -3.75 4.49
C LYS A 14 1.07 -2.66 4.39
N CYS A 15 0.82 -2.20 3.16
CA CYS A 15 -0.18 -1.17 2.92
C CYS A 15 -1.59 -1.73 3.08
N GLY A 16 -2.32 -1.20 4.06
CA GLY A 16 -3.68 -1.65 4.30
C GLY A 16 -4.71 -0.83 3.55
N GLU A 17 -4.46 -0.58 2.27
CA GLU A 17 -5.37 0.21 1.45
C GLU A 17 -5.61 -0.45 0.11
N CYS A 18 -4.56 -1.03 -0.46
CA CYS A 18 -4.66 -1.70 -1.75
C CYS A 18 -4.02 -3.09 -1.69
N GLY A 19 -2.86 -3.18 -1.03
CA GLY A 19 -2.17 -4.45 -0.91
C GLY A 19 -0.75 -4.38 -1.43
N LYS A 20 0.03 -3.46 -0.90
CA LYS A 20 1.42 -3.29 -1.32
C LYS A 20 2.35 -3.30 -0.11
N SER A 21 3.24 -4.28 -0.07
CA SER A 21 4.20 -4.41 1.03
C SER A 21 5.56 -3.81 0.64
N TYR A 22 6.39 -3.57 1.65
CA TYR A 22 7.71 -3.00 1.41
C TYR A 22 8.67 -3.35 2.56
N ASN A 23 9.75 -4.03 2.23
CA ASN A 23 10.74 -4.42 3.23
C ASN A 23 11.02 -3.28 4.20
N GLN A 24 11.05 -2.05 3.67
CA GLN A 24 11.30 -0.88 4.49
C GLN A 24 10.02 -0.12 4.76
N ARG A 25 10.00 0.63 5.86
CA ARG A 25 8.82 1.41 6.23
C ARG A 25 8.78 2.73 5.47
N VAL A 26 9.94 3.35 5.31
CA VAL A 26 10.03 4.62 4.59
C VAL A 26 9.52 4.49 3.17
N HIS A 27 9.36 3.25 2.71
CA HIS A 27 8.88 2.98 1.36
C HIS A 27 7.36 2.78 1.35
N LEU A 28 6.83 2.29 2.47
CA LEU A 28 5.40 2.04 2.59
C LEU A 28 4.65 3.35 2.84
N THR A 29 5.11 4.10 3.83
CA THR A 29 4.48 5.37 4.19
C THR A 29 4.43 6.30 2.98
N GLN A 30 5.51 6.34 2.22
CA GLN A 30 5.57 7.19 1.03
C GLN A 30 4.59 6.74 -0.03
N HIS A 31 4.41 5.42 -0.13
CA HIS A 31 3.48 4.85 -1.11
C HIS A 31 2.05 5.22 -0.77
N GLN A 32 1.73 5.25 0.52
CA GLN A 32 0.38 5.58 0.97
C GLN A 32 -0.08 6.91 0.36
N ARG A 33 0.87 7.68 -0.15
CA ARG A 33 0.56 8.97 -0.76
C ARG A 33 -0.44 8.81 -1.91
N VAL A 34 -0.40 7.65 -2.56
CA VAL A 34 -1.30 7.36 -3.67
C VAL A 34 -2.73 7.13 -3.16
N HIS A 35 -2.86 6.87 -1.86
CA HIS A 35 -4.18 6.64 -1.27
C HIS A 35 -4.65 7.87 -0.51
N THR A 36 -4.14 9.04 -0.89
CA THR A 36 -4.51 10.29 -0.25
C THR A 36 -4.17 11.48 -1.13
N GLY A 37 -4.97 12.54 -1.02
CA GLY A 37 -4.73 13.73 -1.82
C GLY A 37 -5.35 13.65 -3.20
N GLU A 38 -6.45 12.92 -3.30
CA GLU A 38 -7.14 12.74 -4.57
C GLU A 38 -8.56 12.22 -4.36
N LYS A 39 -9.29 12.05 -5.46
CA LYS A 39 -10.66 11.56 -5.40
C LYS A 39 -10.73 10.26 -4.60
N PRO A 40 -11.79 10.13 -3.79
CA PRO A 40 -12.02 8.94 -2.95
C PRO A 40 -12.35 7.71 -3.78
N SER A 41 -11.33 7.08 -4.34
CA SER A 41 -11.52 5.88 -5.16
C SER A 41 -12.83 5.97 -5.95
N GLY A 42 -13.12 7.15 -6.46
CA GLY A 42 -14.33 7.35 -7.24
C GLY A 42 -14.65 6.16 -8.13
N PRO A 43 -15.94 5.90 -8.32
CA PRO A 43 -16.41 4.78 -9.15
C PRO A 43 -16.13 5.01 -10.63
N SER A 44 -15.98 3.93 -11.38
CA SER A 44 -15.71 4.02 -12.82
C SER A 44 -16.70 3.17 -13.60
N SER A 45 -17.49 3.82 -14.45
CA SER A 45 -18.49 3.13 -15.26
C SER A 45 -17.84 1.99 -16.05
N GLY A 46 -18.05 0.77 -15.56
CA GLY A 46 -17.49 -0.39 -16.23
C GLY A 46 -16.70 -1.28 -15.29
N GLY A 1 8.88 -20.02 -21.34
CA GLY A 1 9.63 -20.02 -20.11
C GLY A 1 9.95 -18.62 -19.63
N SER A 2 9.80 -18.40 -18.32
CA SER A 2 10.06 -17.09 -17.73
C SER A 2 10.90 -17.22 -16.46
N SER A 3 12.19 -16.96 -16.59
CA SER A 3 13.11 -17.05 -15.46
C SER A 3 13.39 -15.68 -14.87
N GLY A 4 14.13 -15.66 -13.75
CA GLY A 4 14.45 -14.40 -13.12
C GLY A 4 13.44 -14.02 -12.04
N SER A 5 13.46 -14.75 -10.93
CA SER A 5 12.55 -14.48 -9.82
C SER A 5 12.78 -13.10 -9.25
N SER A 6 11.73 -12.51 -8.67
CA SER A 6 11.81 -11.18 -8.08
C SER A 6 12.07 -11.28 -6.58
N GLY A 7 11.18 -11.98 -5.88
CA GLY A 7 11.33 -12.14 -4.45
C GLY A 7 10.13 -11.59 -3.67
N THR A 8 9.49 -12.45 -2.90
CA THR A 8 8.33 -12.04 -2.11
C THR A 8 8.55 -12.33 -0.63
N GLY A 9 9.76 -12.10 -0.16
CA GLY A 9 10.08 -12.34 1.25
C GLY A 9 9.08 -11.69 2.18
N GLU A 10 8.66 -12.44 3.20
CA GLU A 10 7.69 -11.92 4.17
C GLU A 10 8.12 -10.56 4.71
N LYS A 11 7.37 -9.52 4.34
CA LYS A 11 7.68 -8.17 4.78
C LYS A 11 6.85 -7.81 6.01
N PRO A 12 7.48 -7.07 6.95
CA PRO A 12 6.82 -6.65 8.19
C PRO A 12 5.75 -5.59 7.94
N PHE A 13 5.93 -4.81 6.87
CA PHE A 13 4.99 -3.76 6.52
C PHE A 13 4.02 -4.24 5.45
N LYS A 14 2.81 -3.68 5.45
CA LYS A 14 1.80 -4.04 4.47
C LYS A 14 0.78 -2.90 4.29
N CYS A 15 0.58 -2.51 3.04
CA CYS A 15 -0.37 -1.44 2.73
C CYS A 15 -1.80 -1.96 2.73
N GLY A 16 -2.54 -1.61 3.79
CA GLY A 16 -3.92 -2.05 3.89
C GLY A 16 -4.83 -1.37 2.88
N GLU A 17 -4.39 -0.22 2.38
CA GLU A 17 -5.17 0.53 1.40
C GLU A 17 -5.37 -0.27 0.13
N CYS A 18 -4.28 -0.78 -0.42
CA CYS A 18 -4.32 -1.57 -1.64
C CYS A 18 -3.91 -3.02 -1.38
N GLY A 19 -2.83 -3.19 -0.61
CA GLY A 19 -2.35 -4.51 -0.29
C GLY A 19 -0.91 -4.71 -0.67
N LYS A 20 -0.20 -3.61 -0.91
CA LYS A 20 1.21 -3.67 -1.29
C LYS A 20 2.11 -3.51 -0.06
N SER A 21 2.99 -4.49 0.14
CA SER A 21 3.91 -4.47 1.27
C SER A 21 5.28 -3.97 0.85
N TYR A 22 6.13 -3.69 1.83
CA TYR A 22 7.48 -3.20 1.55
C TYR A 22 8.46 -3.68 2.62
N ASN A 23 9.75 -3.64 2.30
CA ASN A 23 10.79 -4.08 3.22
C ASN A 23 11.23 -2.93 4.12
N GLN A 24 10.90 -1.71 3.71
CA GLN A 24 11.27 -0.53 4.48
C GLN A 24 10.04 0.31 4.81
N ARG A 25 10.11 1.05 5.91
CA ARG A 25 9.00 1.89 6.34
C ARG A 25 8.86 3.12 5.43
N VAL A 26 9.96 3.84 5.25
CA VAL A 26 9.97 5.03 4.41
C VAL A 26 9.38 4.73 3.03
N HIS A 27 9.40 3.46 2.65
CA HIS A 27 8.87 3.05 1.36
C HIS A 27 7.36 2.83 1.43
N LEU A 28 6.88 2.49 2.63
CA LEU A 28 5.45 2.26 2.83
C LEU A 28 4.70 3.58 2.98
N THR A 29 5.12 4.37 3.96
CA THR A 29 4.48 5.67 4.20
C THR A 29 4.45 6.52 2.94
N GLN A 30 5.60 6.60 2.26
CA GLN A 30 5.71 7.38 1.03
C GLN A 30 4.83 6.80 -0.06
N HIS A 31 4.66 5.48 -0.04
CA HIS A 31 3.83 4.81 -1.03
C HIS A 31 2.35 5.08 -0.80
N GLN A 32 1.97 5.16 0.47
CA GLN A 32 0.57 5.42 0.82
C GLN A 32 0.10 6.75 0.24
N ARG A 33 1.05 7.61 -0.10
CA ARG A 33 0.74 8.91 -0.66
C ARG A 33 -0.17 8.77 -1.89
N VAL A 34 -0.23 7.56 -2.43
CA VAL A 34 -1.07 7.29 -3.59
C VAL A 34 -2.53 7.12 -3.20
N HIS A 35 -2.76 6.68 -1.98
CA HIS A 35 -4.12 6.49 -1.47
C HIS A 35 -4.54 7.64 -0.57
N THR A 36 -3.56 8.33 0.01
CA THR A 36 -3.83 9.45 0.89
C THR A 36 -4.58 10.56 0.16
N GLY A 37 -5.70 10.99 0.73
CA GLY A 37 -6.48 12.04 0.12
C GLY A 37 -6.75 11.79 -1.35
N GLU A 38 -7.31 10.61 -1.65
CA GLU A 38 -7.61 10.24 -3.03
C GLU A 38 -9.07 9.83 -3.17
N LYS A 39 -9.96 10.81 -3.30
CA LYS A 39 -11.38 10.55 -3.45
C LYS A 39 -11.63 9.37 -4.38
N PRO A 40 -12.69 8.59 -4.10
CA PRO A 40 -13.05 7.43 -4.91
C PRO A 40 -13.58 7.83 -6.29
N SER A 41 -13.64 6.85 -7.20
CA SER A 41 -14.11 7.09 -8.55
C SER A 41 -15.63 7.14 -8.59
N GLY A 42 -16.27 6.12 -8.01
CA GLY A 42 -17.71 6.06 -7.98
C GLY A 42 -18.24 5.17 -6.88
N PRO A 43 -18.14 3.84 -7.08
CA PRO A 43 -18.60 2.86 -6.11
C PRO A 43 -17.74 2.82 -4.86
N SER A 44 -18.18 3.52 -3.82
CA SER A 44 -17.45 3.56 -2.56
C SER A 44 -18.37 3.35 -1.37
N SER A 45 -18.56 2.09 -0.99
CA SER A 45 -19.42 1.75 0.12
C SER A 45 -18.65 1.74 1.44
N GLY A 46 -19.20 2.39 2.46
CA GLY A 46 -18.55 2.46 3.75
C GLY A 46 -19.54 2.51 4.90
N GLY A 1 -9.97 -8.76 -13.39
CA GLY A 1 -9.36 -9.89 -12.70
C GLY A 1 -8.26 -9.46 -11.76
N SER A 2 -7.14 -10.18 -11.81
CA SER A 2 -6.00 -9.87 -10.95
C SER A 2 -4.68 -10.12 -11.68
N SER A 3 -3.64 -9.41 -11.26
CA SER A 3 -2.33 -9.55 -11.88
C SER A 3 -1.49 -10.61 -11.17
N GLY A 4 -0.90 -11.50 -11.95
CA GLY A 4 -0.08 -12.56 -11.38
C GLY A 4 1.14 -12.02 -10.67
N SER A 5 1.22 -12.26 -9.35
CA SER A 5 2.34 -11.79 -8.55
C SER A 5 2.47 -12.60 -7.27
N SER A 6 3.69 -13.04 -6.98
CA SER A 6 3.94 -13.83 -5.78
C SER A 6 5.41 -13.76 -5.38
N GLY A 7 5.66 -13.46 -4.11
CA GLY A 7 7.02 -13.36 -3.62
C GLY A 7 7.11 -13.45 -2.11
N THR A 8 7.52 -14.61 -1.61
CA THR A 8 7.64 -14.82 -0.17
C THR A 8 8.47 -13.72 0.48
N GLY A 9 8.24 -13.49 1.77
CA GLY A 9 8.97 -12.47 2.48
C GLY A 9 8.24 -12.02 3.75
N GLU A 10 6.94 -11.80 3.63
CA GLU A 10 6.13 -11.35 4.76
C GLU A 10 6.72 -10.09 5.39
N LYS A 11 7.09 -9.13 4.54
CA LYS A 11 7.66 -7.88 4.99
C LYS A 11 6.99 -7.42 6.28
N PRO A 12 7.72 -6.63 7.09
CA PRO A 12 7.22 -6.11 8.37
C PRO A 12 6.14 -5.06 8.17
N PHE A 13 6.00 -4.58 6.94
CA PHE A 13 5.00 -3.57 6.62
C PHE A 13 4.13 -4.01 5.45
N LYS A 14 2.86 -3.61 5.49
CA LYS A 14 1.91 -3.97 4.44
C LYS A 14 0.79 -2.95 4.35
N CYS A 15 0.60 -2.36 3.18
CA CYS A 15 -0.45 -1.37 2.97
C CYS A 15 -1.81 -2.04 2.92
N GLY A 16 -2.81 -1.38 3.51
CA GLY A 16 -4.16 -1.93 3.53
C GLY A 16 -5.04 -1.32 2.46
N GLU A 17 -4.70 -0.10 2.03
CA GLU A 17 -5.48 0.59 1.00
C GLU A 17 -5.65 -0.29 -0.24
N CYS A 18 -4.52 -0.69 -0.83
CA CYS A 18 -4.55 -1.54 -2.01
C CYS A 18 -3.99 -2.93 -1.71
N GLY A 19 -2.90 -2.97 -0.96
CA GLY A 19 -2.29 -4.25 -0.62
C GLY A 19 -0.85 -4.35 -1.08
N LYS A 20 -0.07 -3.29 -0.86
CA LYS A 20 1.33 -3.27 -1.25
C LYS A 20 2.24 -3.28 -0.04
N SER A 21 3.16 -4.24 0.00
CA SER A 21 4.09 -4.38 1.11
C SER A 21 5.47 -3.86 0.72
N TYR A 22 6.24 -3.41 1.71
CA TYR A 22 7.58 -2.89 1.47
C TYR A 22 8.55 -3.35 2.56
N ASN A 23 9.67 -3.93 2.15
CA ASN A 23 10.67 -4.40 3.08
C ASN A 23 11.10 -3.30 4.03
N GLN A 24 10.89 -2.05 3.61
CA GLN A 24 11.27 -0.89 4.43
C GLN A 24 10.03 -0.12 4.86
N ARG A 25 10.18 0.64 5.94
CA ARG A 25 9.06 1.44 6.46
C ARG A 25 8.93 2.75 5.70
N VAL A 26 10.04 3.46 5.54
CA VAL A 26 10.06 4.73 4.83
C VAL A 26 9.56 4.56 3.40
N HIS A 27 9.55 3.32 2.93
CA HIS A 27 9.09 3.01 1.57
C HIS A 27 7.58 2.86 1.52
N LEU A 28 7.00 2.44 2.64
CA LEU A 28 5.55 2.24 2.73
C LEU A 28 4.83 3.59 2.83
N THR A 29 5.16 4.35 3.86
CA THR A 29 4.54 5.66 4.07
C THR A 29 4.53 6.47 2.78
N GLN A 30 5.58 6.31 1.97
CA GLN A 30 5.70 7.03 0.72
C GLN A 30 4.69 6.51 -0.31
N HIS A 31 4.39 5.21 -0.23
CA HIS A 31 3.45 4.59 -1.15
C HIS A 31 2.01 4.95 -0.77
N GLN A 32 1.75 5.02 0.53
CA GLN A 32 0.42 5.35 1.02
C GLN A 32 -0.05 6.68 0.45
N ARG A 33 0.89 7.48 -0.05
CA ARG A 33 0.57 8.77 -0.62
C ARG A 33 -0.32 8.63 -1.85
N VAL A 34 -0.40 7.41 -2.38
CA VAL A 34 -1.22 7.14 -3.55
C VAL A 34 -2.68 6.97 -3.17
N HIS A 35 -2.94 6.81 -1.88
CA HIS A 35 -4.30 6.64 -1.38
C HIS A 35 -4.75 7.86 -0.60
N THR A 36 -4.14 9.00 -0.89
CA THR A 36 -4.47 10.25 -0.20
C THR A 36 -3.76 11.43 -0.84
N GLY A 37 -4.53 12.38 -1.36
CA GLY A 37 -3.96 13.55 -1.99
C GLY A 37 -4.83 14.78 -1.84
N GLU A 38 -5.27 15.05 -0.62
CA GLU A 38 -6.12 16.20 -0.34
C GLU A 38 -7.20 16.34 -1.40
N LYS A 39 -7.82 15.22 -1.76
CA LYS A 39 -8.88 15.21 -2.77
C LYS A 39 -10.22 14.82 -2.15
N PRO A 40 -11.29 15.51 -2.57
CA PRO A 40 -12.64 15.25 -2.08
C PRO A 40 -13.19 13.92 -2.55
N SER A 41 -13.47 13.02 -1.62
CA SER A 41 -13.99 11.71 -1.94
C SER A 41 -15.10 11.81 -3.00
N GLY A 42 -16.19 12.46 -2.65
CA GLY A 42 -17.29 12.62 -3.58
C GLY A 42 -17.83 14.04 -3.62
N PRO A 43 -18.78 14.30 -4.52
CA PRO A 43 -19.38 15.62 -4.68
C PRO A 43 -20.28 16.00 -3.51
N SER A 44 -20.38 15.08 -2.54
CA SER A 44 -21.21 15.32 -1.35
C SER A 44 -20.43 16.09 -0.29
N SER A 45 -19.26 15.57 0.07
CA SER A 45 -18.42 16.20 1.08
C SER A 45 -18.39 17.72 0.88
N GLY A 46 -19.04 18.44 1.79
CA GLY A 46 -19.08 19.89 1.70
C GLY A 46 -19.20 20.38 0.27
N GLY A 1 -0.42 -34.86 0.04
CA GLY A 1 0.53 -35.83 -0.48
C GLY A 1 1.96 -35.31 -0.43
N SER A 2 2.18 -34.14 -1.03
CA SER A 2 3.51 -33.55 -1.06
C SER A 2 3.44 -32.05 -0.81
N SER A 3 4.56 -31.48 -0.36
CA SER A 3 4.61 -30.04 -0.08
C SER A 3 5.85 -29.42 -0.73
N GLY A 4 5.93 -28.09 -0.66
CA GLY A 4 7.06 -27.39 -1.24
C GLY A 4 7.57 -26.28 -0.35
N SER A 5 8.66 -26.54 0.36
CA SER A 5 9.25 -25.55 1.25
C SER A 5 9.87 -24.40 0.47
N SER A 6 9.32 -23.20 0.65
CA SER A 6 9.81 -22.02 -0.06
C SER A 6 9.30 -20.74 0.61
N GLY A 7 10.18 -19.76 0.73
CA GLY A 7 9.80 -18.50 1.36
C GLY A 7 10.24 -18.41 2.80
N THR A 8 10.99 -17.36 3.14
CA THR A 8 11.47 -17.16 4.49
C THR A 8 10.39 -16.55 5.38
N GLY A 9 9.69 -15.55 4.84
CA GLY A 9 8.64 -14.89 5.59
C GLY A 9 8.01 -13.74 4.83
N GLU A 10 7.28 -12.88 5.54
CA GLU A 10 6.63 -11.74 4.92
C GLU A 10 7.18 -10.43 5.47
N LYS A 11 7.08 -9.37 4.67
CA LYS A 11 7.57 -8.06 5.07
C LYS A 11 6.88 -7.59 6.35
N PRO A 12 7.63 -6.89 7.21
CA PRO A 12 7.11 -6.37 8.48
C PRO A 12 6.12 -5.23 8.27
N PHE A 13 6.07 -4.71 7.05
CA PHE A 13 5.16 -3.62 6.72
C PHE A 13 4.30 -3.96 5.50
N LYS A 14 3.03 -3.60 5.57
CA LYS A 14 2.10 -3.87 4.48
C LYS A 14 1.00 -2.81 4.42
N CYS A 15 0.53 -2.52 3.21
CA CYS A 15 -0.52 -1.53 3.02
C CYS A 15 -1.89 -2.20 2.94
N GLY A 16 -2.88 -1.58 3.57
CA GLY A 16 -4.22 -2.12 3.57
C GLY A 16 -5.09 -1.53 2.48
N GLU A 17 -4.71 -0.34 2.01
CA GLU A 17 -5.46 0.34 0.95
C GLU A 17 -5.56 -0.53 -0.30
N CYS A 18 -4.42 -0.81 -0.91
CA CYS A 18 -4.39 -1.64 -2.10
C CYS A 18 -3.86 -3.03 -1.79
N GLY A 19 -2.79 -3.09 -1.01
CA GLY A 19 -2.20 -4.37 -0.66
C GLY A 19 -0.74 -4.48 -1.05
N LYS A 20 -0.04 -3.34 -1.03
CA LYS A 20 1.37 -3.31 -1.39
C LYS A 20 2.25 -3.35 -0.15
N SER A 21 3.19 -4.28 -0.13
CA SER A 21 4.10 -4.43 1.01
C SER A 21 5.49 -3.90 0.66
N TYR A 22 6.24 -3.52 1.69
CA TYR A 22 7.59 -3.00 1.50
C TYR A 22 8.49 -3.39 2.66
N ASN A 23 9.66 -3.95 2.33
CA ASN A 23 10.61 -4.37 3.35
C ASN A 23 10.98 -3.22 4.27
N GLN A 24 11.02 -2.01 3.71
CA GLN A 24 11.36 -0.82 4.47
C GLN A 24 10.10 -0.05 4.87
N ARG A 25 10.25 0.88 5.81
CA ARG A 25 9.12 1.69 6.27
C ARG A 25 8.93 2.91 5.37
N VAL A 26 9.99 3.68 5.18
CA VAL A 26 9.93 4.87 4.35
C VAL A 26 9.29 4.56 2.99
N HIS A 27 9.28 3.28 2.63
CA HIS A 27 8.69 2.86 1.36
C HIS A 27 7.18 2.72 1.47
N LEU A 28 6.72 2.27 2.64
CA LEU A 28 5.29 2.10 2.88
C LEU A 28 4.59 3.45 3.01
N THR A 29 5.05 4.26 3.97
CA THR A 29 4.47 5.57 4.20
C THR A 29 4.47 6.40 2.92
N GLN A 30 5.56 6.34 2.17
CA GLN A 30 5.67 7.08 0.93
C GLN A 30 4.69 6.56 -0.12
N HIS A 31 4.45 5.25 -0.08
CA HIS A 31 3.53 4.62 -1.03
C HIS A 31 2.09 5.06 -0.76
N GLN A 32 1.78 5.28 0.51
CA GLN A 32 0.44 5.70 0.90
C GLN A 32 0.08 7.04 0.27
N ARG A 33 1.08 7.72 -0.27
CA ARG A 33 0.89 9.03 -0.90
C ARG A 33 -0.12 8.93 -2.04
N VAL A 34 -0.43 7.69 -2.45
CA VAL A 34 -1.37 7.45 -3.53
C VAL A 34 -2.78 7.25 -2.99
N HIS A 35 -2.88 6.74 -1.76
CA HIS A 35 -4.16 6.49 -1.13
C HIS A 35 -4.57 7.67 -0.25
N THR A 36 -3.98 8.83 -0.51
CA THR A 36 -4.28 10.03 0.26
C THR A 36 -4.14 11.28 -0.60
N GLY A 37 -5.00 12.26 -0.35
CA GLY A 37 -4.95 13.50 -1.11
C GLY A 37 -6.29 14.21 -1.15
N GLU A 38 -7.21 13.70 -1.96
CA GLU A 38 -8.53 14.28 -2.10
C GLU A 38 -9.59 13.40 -1.44
N LYS A 39 -9.49 13.25 -0.12
CA LYS A 39 -10.44 12.43 0.62
C LYS A 39 -11.86 12.94 0.45
N PRO A 40 -12.84 12.02 0.39
CA PRO A 40 -14.25 12.35 0.23
C PRO A 40 -14.83 13.02 1.46
N SER A 41 -14.83 14.35 1.48
CA SER A 41 -15.35 15.11 2.60
C SER A 41 -16.86 14.94 2.72
N GLY A 42 -17.57 15.21 1.63
CA GLY A 42 -19.02 15.07 1.63
C GLY A 42 -19.47 13.65 1.96
N PRO A 43 -20.49 13.54 2.81
CA PRO A 43 -21.04 12.24 3.23
C PRO A 43 -21.78 11.54 2.09
N SER A 44 -21.68 10.22 2.06
CA SER A 44 -22.35 9.43 1.02
C SER A 44 -22.93 8.14 1.61
N SER A 45 -24.24 8.01 1.53
CA SER A 45 -24.92 6.84 2.06
C SER A 45 -25.47 5.97 0.92
N GLY A 46 -25.19 4.67 0.97
CA GLY A 46 -25.66 3.77 -0.06
C GLY A 46 -27.01 3.18 0.28
N GLY A 1 -2.30 -28.59 -5.06
CA GLY A 1 -2.56 -27.84 -3.84
C GLY A 1 -1.29 -27.53 -3.07
N SER A 2 -0.51 -26.58 -3.57
CA SER A 2 0.74 -26.21 -2.92
C SER A 2 1.22 -24.85 -3.42
N SER A 3 1.89 -24.11 -2.54
CA SER A 3 2.40 -22.78 -2.89
C SER A 3 3.42 -22.31 -1.87
N GLY A 4 4.46 -21.63 -2.35
CA GLY A 4 5.50 -21.12 -1.47
C GLY A 4 5.86 -19.68 -1.75
N SER A 5 5.12 -18.76 -1.14
CA SER A 5 5.36 -17.34 -1.34
C SER A 5 6.56 -16.87 -0.52
N SER A 6 6.53 -17.16 0.79
CA SER A 6 7.61 -16.77 1.68
C SER A 6 8.79 -17.73 1.57
N GLY A 7 9.84 -17.28 0.89
CA GLY A 7 11.01 -18.11 0.72
C GLY A 7 11.95 -18.05 1.90
N THR A 8 12.22 -16.84 2.39
CA THR A 8 13.11 -16.65 3.52
C THR A 8 12.40 -15.88 4.64
N GLY A 9 11.78 -14.76 4.28
CA GLY A 9 11.08 -13.96 5.27
C GLY A 9 10.07 -13.03 4.64
N GLU A 10 8.99 -12.74 5.37
CA GLU A 10 7.95 -11.84 4.87
C GLU A 10 8.26 -10.39 5.21
N LYS A 11 7.53 -9.47 4.59
CA LYS A 11 7.72 -8.05 4.83
C LYS A 11 7.17 -7.63 6.19
N PRO A 12 7.97 -6.86 6.93
CA PRO A 12 7.58 -6.37 8.27
C PRO A 12 6.45 -5.34 8.21
N PHE A 13 6.31 -4.71 7.05
CA PHE A 13 5.28 -3.69 6.86
C PHE A 13 4.34 -4.08 5.73
N LYS A 14 3.15 -3.47 5.72
CA LYS A 14 2.16 -3.75 4.69
C LYS A 14 1.17 -2.60 4.55
N CYS A 15 0.70 -2.37 3.33
CA CYS A 15 -0.24 -1.30 3.06
C CYS A 15 -1.68 -1.79 3.19
N GLY A 16 -2.45 -1.16 4.08
CA GLY A 16 -3.82 -1.55 4.29
C GLY A 16 -4.79 -0.71 3.46
N GLU A 17 -4.48 -0.52 2.19
CA GLU A 17 -5.32 0.25 1.31
C GLU A 17 -5.51 -0.46 -0.03
N CYS A 18 -4.42 -0.96 -0.59
CA CYS A 18 -4.47 -1.67 -1.86
C CYS A 18 -3.89 -3.07 -1.73
N GLY A 19 -2.78 -3.18 -1.01
CA GLY A 19 -2.15 -4.48 -0.82
C GLY A 19 -0.69 -4.48 -1.24
N LYS A 20 -0.01 -3.35 -1.03
CA LYS A 20 1.39 -3.23 -1.39
C LYS A 20 2.27 -3.29 -0.14
N SER A 21 3.04 -4.37 -0.03
CA SER A 21 3.93 -4.57 1.12
C SER A 21 5.34 -4.11 0.78
N TYR A 22 6.04 -3.56 1.78
CA TYR A 22 7.40 -3.08 1.59
C TYR A 22 8.31 -3.56 2.72
N ASN A 23 9.58 -3.74 2.41
CA ASN A 23 10.55 -4.20 3.40
C ASN A 23 10.84 -3.10 4.42
N GLN A 24 10.81 -1.85 3.97
CA GLN A 24 11.07 -0.71 4.84
C GLN A 24 9.83 0.17 4.97
N ARG A 25 9.51 0.56 6.19
CA ARG A 25 8.36 1.41 6.44
C ARG A 25 8.51 2.76 5.75
N VAL A 26 9.73 3.05 5.31
CA VAL A 26 10.01 4.31 4.63
C VAL A 26 9.49 4.30 3.20
N HIS A 27 9.49 3.12 2.60
CA HIS A 27 9.01 2.97 1.22
C HIS A 27 7.50 2.79 1.20
N LEU A 28 6.94 2.30 2.30
CA LEU A 28 5.50 2.08 2.39
C LEU A 28 4.76 3.39 2.62
N THR A 29 5.20 4.15 3.61
CA THR A 29 4.58 5.44 3.91
C THR A 29 4.55 6.34 2.69
N GLN A 30 5.64 6.35 1.94
CA GLN A 30 5.74 7.18 0.74
C GLN A 30 4.74 6.71 -0.32
N HIS A 31 4.39 5.43 -0.28
CA HIS A 31 3.45 4.85 -1.23
C HIS A 31 2.01 5.20 -0.86
N GLN A 32 1.73 5.18 0.44
CA GLN A 32 0.39 5.50 0.93
C GLN A 32 -0.06 6.86 0.45
N ARG A 33 0.89 7.66 -0.06
CA ARG A 33 0.59 8.99 -0.56
C ARG A 33 -0.41 8.93 -1.71
N VAL A 34 -0.39 7.82 -2.45
CA VAL A 34 -1.29 7.64 -3.58
C VAL A 34 -2.74 7.52 -3.11
N HIS A 35 -2.94 6.94 -1.93
CA HIS A 35 -4.27 6.78 -1.37
C HIS A 35 -4.75 8.07 -0.71
N THR A 36 -3.80 8.96 -0.43
CA THR A 36 -4.13 10.23 0.21
C THR A 36 -3.92 11.39 -0.75
N GLY A 37 -4.36 12.58 -0.33
CA GLY A 37 -4.20 13.76 -1.17
C GLY A 37 -5.48 14.57 -1.28
N GLU A 38 -6.26 14.59 -0.19
CA GLU A 38 -7.51 15.32 -0.17
C GLU A 38 -7.31 16.77 -0.60
N LYS A 39 -7.88 17.12 -1.74
CA LYS A 39 -7.76 18.47 -2.28
C LYS A 39 -9.06 18.92 -2.92
N PRO A 40 -9.41 20.21 -2.74
CA PRO A 40 -10.64 20.79 -3.30
C PRO A 40 -10.58 20.93 -4.81
N SER A 41 -11.70 20.65 -5.47
CA SER A 41 -11.77 20.74 -6.93
C SER A 41 -12.00 22.18 -7.37
N GLY A 42 -11.13 22.67 -8.25
CA GLY A 42 -11.26 24.02 -8.75
C GLY A 42 -10.55 24.23 -10.07
N PRO A 43 -10.40 25.50 -10.48
CA PRO A 43 -9.74 25.86 -11.74
C PRO A 43 -8.25 25.58 -11.71
N SER A 44 -7.59 26.00 -10.63
CA SER A 44 -6.15 25.81 -10.49
C SER A 44 -5.80 24.31 -10.55
N SER A 45 -5.42 23.86 -11.73
CA SER A 45 -5.06 22.45 -11.93
C SER A 45 -3.68 22.33 -12.59
N GLY A 46 -3.49 23.07 -13.68
CA GLY A 46 -2.23 23.03 -14.38
C GLY A 46 -2.13 21.85 -15.34
#